data_7U6E
#
_entry.id   7U6E
#
_cell.length_a   1.00
_cell.length_b   1.00
_cell.length_c   1.00
_cell.angle_alpha   90.00
_cell.angle_beta   90.00
_cell.angle_gamma   90.00
#
_symmetry.space_group_name_H-M   'P 1'
#
loop_
_entity.id
_entity.type
_entity.pdbx_description
1 polymer 'Insulin A chain'
2 polymer 'Insulin B chain'
3 polymer 'Isoform Short of Insulin receptor'
4 polymer IM462
5 branched 2-acetamido-2-deoxy-beta-D-glucopyranose-(1-4)-2-acetamido-2-deoxy-beta-D-glucopyranose
6 non-polymer 2-acetamido-2-deoxy-beta-D-glucopyranose
#
loop_
_entity_poly.entity_id
_entity_poly.type
_entity_poly.pdbx_seq_one_letter_code
_entity_poly.pdbx_strand_id
1 'polypeptide(L)' GIVEQCCTSICSLYQLENYCN A
2 'polypeptide(L)' FVNQHLCGSHLVEALYLVCGERGFFYTPKT B
3 'polypeptide(L)'
;HLYPGEVCPGMDIRNNLTRLHELENCSVIEGHLQILLMFKTRPEDFRDLSFPKLIMITDYLLLFRVYGLESLKDLFPNLT
VIRGSRLFFNYALVIFEMVHLKELGLYNLMNITRGSVRIEKNNELCYLATIDWSRILDSVEDNHIVLNKDDNEECGDICP
GTAKGKTNCPATVINGQFVERCWTHSHCQKVCPTICKSHGCTAEGLCCHSECLGNCSQPDDPTKCVACRNFYLDGRCVET
CPPPYYHFQDWRCVNFSFCQDLHHKCKNSRRQGCHQYVIHNNKCIPECPSGYTMNSSNLLCTPCLGPCPKVCHLLEGEKT
IDSVTSAQELRGCTVINGSLIINIRGGNNLAAELEANLGLIEEISGYLKIRRSYALVSLSFFRKLRLIRGETLEIGNYSF
YALDNQNLRQLWDWSKHNLTTTQGKLFFHYNPKLCLSEIHKMEEVSGTKGRQERNDIALKTNGDKASCENELLKFSYIRT
SFDKILLRWEPYWPPDFRDLLGFMLFYKEAPYQNVTEFDGQDACGSNSWTVVDIDPPLRSNDPKSQNHPGWLMRGLKPWT
QYAIFVKTLVTFSDERRTYGAKSDIIYVQTDATNPSVPLDPISVSNSSSQIILKWKPPSDPNGNITHYLVFWERQAEDSE
LFELDYCLKGLKLPSRTWSPPFESEDSQKHNQSEYEDSAGECCSCPKTDSQILKELEESSFRKTFEDYLHNVVFVPRPSR
KRRSLGDVGNAGNNEEHRPFEKVVNKESLVISGLRHFTGYRIELQACNQDTPEERCSVAAYVSARTMPEAKADDIVGPVT
HEIFENNVVHLMWQEPKEPNGLIVLYEVSYRRYGDEELHLCVSRKHFALERGCRLRGLSPGNYSVRIRATSLAGNGSWTE
PTYFYVTDYLDVPSNIARMKQLEDKVEELLSKNYHLENEVARLKKLVGER
;
E,F
4 'polypeptide(L)' (HY1)SLEEEWAQIECEVYGRCPPSES G,H
#
loop_
_chem_comp.id
_chem_comp.type
_chem_comp.name
_chem_comp.formula
HY1 non-polymer PHENYLACETALDEHYDE 'C8 H8 O'
NAG D-saccharide, beta linking 2-acetamido-2-deoxy-beta-D-glucopyranose 'C8 H15 N O6'
#
# COMPACT_ATOMS: atom_id res chain seq x y z
N GLY A 1 17.97 6.99 -14.29
CA GLY A 1 17.29 6.14 -15.24
C GLY A 1 16.26 6.91 -16.03
N ILE A 2 15.67 6.26 -17.02
CA ILE A 2 14.75 6.96 -17.92
C ILE A 2 13.60 7.58 -17.14
N VAL A 3 13.13 6.91 -16.09
CA VAL A 3 11.96 7.42 -15.37
C VAL A 3 12.33 8.63 -14.53
N GLU A 4 13.57 8.71 -14.05
CA GLU A 4 14.00 9.95 -13.41
C GLU A 4 14.21 11.05 -14.45
N GLN A 5 14.78 10.69 -15.60
CA GLN A 5 15.06 11.68 -16.63
C GLN A 5 13.79 12.22 -17.26
N CYS A 6 12.93 11.34 -17.77
CA CYS A 6 11.84 11.76 -18.65
C CYS A 6 10.48 11.80 -17.98
N CYS A 7 10.25 11.00 -16.93
CA CYS A 7 8.93 10.89 -16.32
C CYS A 7 8.79 11.75 -15.08
N THR A 8 9.80 11.77 -14.22
CA THR A 8 9.77 12.57 -13.01
C THR A 8 10.52 13.88 -13.21
N SER A 9 10.95 14.13 -14.45
CA SER A 9 11.45 15.43 -14.88
C SER A 9 11.09 15.57 -16.36
N ILE A 10 11.63 16.59 -17.01
CA ILE A 10 11.35 16.83 -18.43
C ILE A 10 12.59 16.42 -19.21
N CYS A 11 12.42 15.47 -20.11
CA CYS A 11 13.47 15.13 -21.06
C CYS A 11 13.50 16.11 -22.22
N SER A 12 14.66 16.69 -22.47
CA SER A 12 14.92 17.27 -23.77
C SER A 12 14.89 16.19 -24.83
N LEU A 13 14.62 16.61 -26.07
CA LEU A 13 14.71 15.68 -27.19
C LEU A 13 16.11 15.09 -27.32
N TYR A 14 17.14 15.82 -26.91
CA TYR A 14 18.47 15.21 -26.84
C TYR A 14 18.50 14.05 -25.86
N GLN A 15 17.84 14.19 -24.72
CA GLN A 15 17.89 13.14 -23.71
C GLN A 15 17.12 11.90 -24.16
N LEU A 16 15.93 12.08 -24.75
CA LEU A 16 15.26 10.93 -25.36
C LEU A 16 16.15 10.28 -26.40
N GLU A 17 16.78 11.08 -27.26
CA GLU A 17 17.66 10.55 -28.29
C GLU A 17 18.84 9.78 -27.70
N ASN A 18 19.24 10.13 -26.48
CA ASN A 18 20.36 9.45 -25.84
C ASN A 18 20.11 7.96 -25.59
N TYR A 19 18.87 7.51 -25.67
CA TYR A 19 18.51 6.13 -25.37
C TYR A 19 18.39 5.25 -26.59
N CYS A 20 18.91 5.66 -27.73
CA CYS A 20 18.70 4.95 -28.98
C CYS A 20 20.04 4.76 -29.69
N ASN A 21 20.07 3.77 -30.58
CA ASN A 21 21.30 3.44 -31.28
C ASN A 21 21.79 4.63 -32.07
N ASN B 3 9.47 18.95 -23.57
CA ASN B 3 8.10 19.41 -23.71
C ASN B 3 7.29 19.06 -22.47
N GLN B 4 7.00 17.77 -22.27
CA GLN B 4 6.16 17.34 -21.17
C GLN B 4 6.81 16.15 -20.47
N HIS B 5 6.24 15.79 -19.32
CA HIS B 5 6.59 14.57 -18.62
C HIS B 5 6.14 13.35 -19.41
N LEU B 6 7.09 12.48 -19.74
CA LEU B 6 6.81 11.28 -20.52
C LEU B 6 6.82 10.09 -19.58
N CYS B 7 5.66 9.47 -19.40
CA CYS B 7 5.51 8.44 -18.40
C CYS B 7 4.69 7.30 -18.99
N GLY B 8 4.69 6.17 -18.30
CA GLY B 8 3.84 5.06 -18.69
C GLY B 8 4.11 4.64 -20.12
N SER B 9 3.04 4.29 -20.83
CA SER B 9 3.15 4.00 -22.25
C SER B 9 3.66 5.20 -23.04
N HIS B 10 3.31 6.41 -22.61
CA HIS B 10 3.67 7.58 -23.39
C HIS B 10 5.16 7.80 -23.45
N LEU B 11 5.91 7.30 -22.47
CA LEU B 11 7.37 7.27 -22.61
C LEU B 11 7.78 6.30 -23.69
N VAL B 12 7.06 5.19 -23.83
CA VAL B 12 7.39 4.19 -24.84
C VAL B 12 7.04 4.70 -26.23
N GLU B 13 5.84 5.26 -26.39
CA GLU B 13 5.46 5.90 -27.65
C GLU B 13 6.43 7.00 -28.03
N ALA B 14 6.71 7.90 -27.10
CA ALA B 14 7.56 9.05 -27.43
C ALA B 14 8.96 8.61 -27.82
N LEU B 15 9.57 7.69 -27.06
CA LEU B 15 10.87 7.17 -27.46
C LEU B 15 10.81 6.48 -28.80
N TYR B 16 9.75 5.71 -29.06
CA TYR B 16 9.64 5.02 -30.34
C TYR B 16 9.61 5.99 -31.50
N LEU B 17 8.86 7.08 -31.37
CA LEU B 17 8.80 8.07 -32.45
C LEU B 17 10.16 8.71 -32.66
N VAL B 18 10.90 8.96 -31.59
CA VAL B 18 12.26 9.47 -31.72
C VAL B 18 13.17 8.46 -32.38
N CYS B 19 12.82 7.18 -32.34
CA CYS B 19 13.77 6.11 -32.65
C CYS B 19 13.12 5.01 -33.48
N GLY B 20 12.38 5.40 -34.52
CA GLY B 20 11.51 4.46 -35.20
C GLY B 20 12.25 3.30 -35.84
N GLU B 21 13.15 3.59 -36.78
CA GLU B 21 13.98 2.56 -37.39
C GLU B 21 15.31 2.36 -36.68
N ARG B 22 15.86 3.40 -36.07
CA ARG B 22 17.08 3.26 -35.29
C ARG B 22 16.95 2.19 -34.21
N GLY B 23 15.79 2.15 -33.56
CA GLY B 23 15.58 1.27 -32.43
C GLY B 23 16.24 1.73 -31.16
N PHE B 24 15.86 1.07 -30.07
CA PHE B 24 16.33 1.38 -28.74
C PHE B 24 17.67 0.71 -28.46
N PHE B 25 18.43 1.33 -27.56
CA PHE B 25 19.74 0.86 -27.20
C PHE B 25 19.65 -0.30 -26.21
N TYR B 26 20.70 -1.12 -26.19
CA TYR B 26 20.99 -1.98 -25.05
C TYR B 26 22.47 -2.30 -25.09
N THR B 27 23.04 -2.57 -23.91
CA THR B 27 24.47 -2.80 -23.80
C THR B 27 24.87 -4.26 -24.02
N HIS C 1 14.31 -37.09 -25.11
CA HIS C 1 15.68 -36.61 -25.05
C HIS C 1 15.77 -35.32 -24.24
N LEU C 2 16.65 -35.36 -23.24
CA LEU C 2 16.84 -34.24 -22.32
C LEU C 2 17.77 -33.19 -22.93
N TYR C 3 17.28 -31.95 -23.01
CA TYR C 3 18.01 -30.80 -23.54
C TYR C 3 18.87 -31.14 -24.76
N PRO C 4 18.28 -31.65 -25.83
CA PRO C 4 19.04 -32.07 -27.01
C PRO C 4 19.44 -30.90 -27.89
N GLY C 5 20.01 -29.87 -27.27
CA GLY C 5 20.35 -28.66 -27.98
C GLY C 5 21.09 -27.72 -27.05
N GLU C 6 21.58 -26.64 -27.64
CA GLU C 6 22.59 -25.82 -27.00
C GLU C 6 22.04 -25.12 -25.77
N VAL C 7 22.96 -24.61 -24.95
CA VAL C 7 22.65 -23.77 -23.80
C VAL C 7 23.22 -22.39 -24.03
N CYS C 8 22.38 -21.36 -23.92
CA CYS C 8 22.67 -20.04 -24.42
C CYS C 8 22.62 -19.01 -23.32
N PRO C 9 23.45 -17.96 -23.39
CA PRO C 9 23.38 -16.89 -22.39
C PRO C 9 22.05 -16.14 -22.39
N GLY C 10 21.91 -15.17 -21.51
CA GLY C 10 20.74 -14.33 -21.52
C GLY C 10 20.51 -13.63 -22.83
N MET C 11 19.28 -13.64 -23.30
CA MET C 11 18.91 -13.11 -24.61
C MET C 11 18.10 -11.84 -24.42
N ASP C 12 18.57 -10.75 -24.99
CA ASP C 12 17.79 -9.54 -25.21
C ASP C 12 17.51 -9.40 -26.70
N ILE C 13 16.24 -9.45 -27.08
CA ILE C 13 15.80 -9.25 -28.45
C ILE C 13 14.91 -8.03 -28.51
N ARG C 14 15.40 -6.96 -29.15
CA ARG C 14 14.67 -5.71 -29.19
C ARG C 14 14.79 -5.12 -30.59
N ASN C 15 13.81 -4.29 -30.94
CA ASN C 15 13.74 -3.53 -32.18
C ASN C 15 13.45 -4.40 -33.40
N ASN C 16 14.33 -5.34 -33.70
CA ASN C 16 14.18 -6.12 -34.91
C ASN C 16 14.08 -7.60 -34.55
N LEU C 17 13.16 -8.27 -35.22
CA LEU C 17 12.95 -9.69 -35.01
C LEU C 17 14.18 -10.52 -35.38
N THR C 18 15.11 -9.96 -36.15
CA THR C 18 16.24 -10.73 -36.66
C THR C 18 17.00 -11.45 -35.55
N ARG C 19 17.20 -10.78 -34.42
CA ARG C 19 17.99 -11.34 -33.32
C ARG C 19 17.44 -12.67 -32.81
N LEU C 20 16.13 -12.92 -32.97
CA LEU C 20 15.55 -14.16 -32.47
C LEU C 20 16.18 -15.41 -33.04
N HIS C 21 16.88 -15.32 -34.16
CA HIS C 21 17.55 -16.52 -34.63
C HIS C 21 18.76 -16.90 -33.80
N GLU C 22 19.15 -16.09 -32.82
CA GLU C 22 20.07 -16.59 -31.80
C GLU C 22 19.45 -17.71 -30.98
N LEU C 23 18.11 -17.74 -30.88
CA LEU C 23 17.38 -18.81 -30.22
C LEU C 23 17.20 -20.05 -31.09
N GLU C 24 17.66 -20.01 -32.34
CA GLU C 24 17.33 -21.07 -33.29
C GLU C 24 17.72 -22.44 -32.75
N ASN C 25 18.82 -22.51 -32.02
CA ASN C 25 19.38 -23.77 -31.55
C ASN C 25 19.14 -24.03 -30.07
N CYS C 26 19.09 -22.98 -29.26
CA CYS C 26 19.06 -23.09 -27.81
C CYS C 26 17.93 -23.99 -27.36
N SER C 27 18.23 -24.88 -26.40
CA SER C 27 17.22 -25.61 -25.67
C SER C 27 17.06 -25.14 -24.23
N VAL C 28 18.08 -24.49 -23.69
CA VAL C 28 18.05 -23.90 -22.36
C VAL C 28 18.75 -22.56 -22.45
N ILE C 29 18.16 -21.54 -21.84
CA ILE C 29 18.75 -20.22 -21.77
C ILE C 29 19.27 -19.99 -20.35
N GLU C 30 20.58 -19.82 -20.22
CA GLU C 30 21.18 -19.50 -18.92
C GLU C 30 21.14 -17.99 -18.67
N GLY C 31 19.93 -17.47 -18.57
CA GLY C 31 19.77 -16.04 -18.40
C GLY C 31 18.34 -15.65 -18.69
N HIS C 32 18.11 -14.35 -18.73
CA HIS C 32 16.81 -13.82 -19.03
C HIS C 32 16.49 -13.95 -20.52
N LEU C 33 15.21 -14.06 -20.83
CA LEU C 33 14.73 -14.05 -22.21
C LEU C 33 13.88 -12.81 -22.43
N GLN C 34 14.52 -11.65 -22.48
CA GLN C 34 13.80 -10.45 -22.80
C GLN C 34 13.48 -10.43 -24.29
N ILE C 35 12.21 -10.30 -24.63
CA ILE C 35 11.77 -10.05 -26.00
C ILE C 35 10.88 -8.83 -25.95
N LEU C 36 11.31 -7.73 -26.55
CA LEU C 36 10.60 -6.50 -26.28
C LEU C 36 10.85 -5.47 -27.37
N LEU C 37 9.97 -4.46 -27.40
CA LEU C 37 10.13 -3.29 -28.25
C LEU C 37 10.20 -3.62 -29.74
N MET C 38 9.36 -4.54 -30.19
CA MET C 38 9.30 -4.92 -31.61
C MET C 38 8.01 -4.36 -32.22
N PHE C 39 7.95 -3.04 -32.33
CA PHE C 39 6.79 -2.34 -32.89
C PHE C 39 6.63 -2.62 -34.38
N LYS C 40 7.74 -2.84 -35.08
CA LYS C 40 7.74 -2.90 -36.54
C LYS C 40 7.16 -4.20 -37.08
N THR C 41 7.13 -5.25 -36.28
CA THR C 41 6.72 -6.57 -36.74
C THR C 41 5.21 -6.66 -36.91
N ARG C 42 4.79 -7.66 -37.67
CA ARG C 42 3.42 -7.96 -38.01
C ARG C 42 3.24 -9.45 -37.80
N PRO C 43 1.99 -9.93 -37.70
CA PRO C 43 1.79 -11.38 -37.69
C PRO C 43 2.47 -12.08 -38.84
N GLU C 44 2.58 -11.40 -39.99
CA GLU C 44 3.38 -11.90 -41.10
C GLU C 44 4.77 -12.32 -40.65
N ASP C 45 5.39 -11.57 -39.75
CA ASP C 45 6.74 -11.87 -39.31
C ASP C 45 6.83 -13.07 -38.38
N PHE C 46 5.74 -13.43 -37.71
CA PHE C 46 5.74 -14.51 -36.73
C PHE C 46 5.06 -15.78 -37.24
N ARG C 47 4.61 -15.80 -38.49
CA ARG C 47 3.93 -16.99 -38.99
C ARG C 47 4.83 -18.20 -38.97
N ASP C 48 6.06 -18.07 -39.50
CA ASP C 48 6.97 -19.21 -39.53
C ASP C 48 7.70 -19.40 -38.21
N LEU C 49 8.01 -18.30 -37.52
CA LEU C 49 9.10 -18.28 -36.57
C LEU C 49 8.72 -19.01 -35.29
N SER C 50 9.45 -20.10 -34.99
CA SER C 50 9.19 -20.91 -33.81
C SER C 50 10.51 -21.47 -33.30
N PHE C 51 10.57 -21.68 -31.98
CA PHE C 51 11.74 -22.26 -31.34
C PHE C 51 11.37 -23.47 -30.49
N PRO C 52 10.82 -24.52 -31.11
CA PRO C 52 10.45 -25.71 -30.33
C PRO C 52 11.62 -26.41 -29.66
N LYS C 53 12.86 -26.10 -30.04
CA LYS C 53 14.01 -26.59 -29.27
C LYS C 53 14.04 -26.06 -27.85
N LEU C 54 13.43 -24.90 -27.57
CA LEU C 54 13.58 -24.28 -26.26
C LEU C 54 12.68 -24.95 -25.24
N ILE C 55 13.27 -25.35 -24.10
CA ILE C 55 12.57 -26.07 -23.06
C ILE C 55 12.59 -25.36 -21.72
N MET C 56 13.64 -24.61 -21.42
CA MET C 56 13.75 -24.03 -20.09
C MET C 56 14.67 -22.82 -20.04
N ILE C 57 14.18 -21.75 -19.42
CA ILE C 57 14.94 -20.53 -19.21
C ILE C 57 15.31 -20.48 -17.73
N THR C 58 16.60 -20.38 -17.42
CA THR C 58 17.00 -20.37 -16.02
C THR C 58 16.47 -19.15 -15.29
N ASP C 59 16.47 -17.98 -15.94
CA ASP C 59 16.04 -16.77 -15.25
C ASP C 59 14.59 -16.44 -15.55
N TYR C 60 14.32 -15.34 -16.23
CA TYR C 60 12.95 -14.91 -16.45
C TYR C 60 12.67 -14.68 -17.91
N LEU C 61 11.40 -14.70 -18.26
CA LEU C 61 10.92 -14.41 -19.60
C LEU C 61 10.14 -13.11 -19.56
N LEU C 62 10.53 -12.15 -20.40
CA LEU C 62 9.91 -10.82 -20.40
C LEU C 62 9.48 -10.46 -21.80
N LEU C 63 8.19 -10.43 -22.04
CA LEU C 63 7.61 -10.02 -23.31
C LEU C 63 7.01 -8.63 -23.10
N PHE C 64 7.40 -7.67 -23.92
CA PHE C 64 6.99 -6.29 -23.67
C PHE C 64 6.92 -5.53 -24.97
N ARG C 65 5.73 -5.07 -25.33
CA ARG C 65 5.52 -4.31 -26.56
C ARG C 65 6.12 -5.04 -27.77
N VAL C 66 5.65 -6.25 -28.00
CA VAL C 66 5.91 -6.99 -29.22
C VAL C 66 4.61 -7.09 -29.99
N TYR C 67 4.62 -6.66 -31.24
CA TYR C 67 3.43 -6.46 -32.04
C TYR C 67 3.28 -7.57 -33.06
N GLY C 68 2.04 -7.98 -33.29
CA GLY C 68 1.75 -9.04 -34.22
C GLY C 68 2.02 -10.42 -33.71
N LEU C 69 2.66 -10.56 -32.55
CA LEU C 69 2.72 -11.85 -31.89
C LEU C 69 1.35 -12.15 -31.32
N GLU C 70 0.61 -13.04 -32.00
CA GLU C 70 -0.76 -13.34 -31.58
C GLU C 70 -0.81 -14.33 -30.43
N SER C 71 0.16 -15.23 -30.36
CA SER C 71 0.11 -16.29 -29.37
C SER C 71 1.49 -16.89 -29.25
N LEU C 72 1.81 -17.36 -28.06
CA LEU C 72 3.10 -17.95 -27.79
C LEU C 72 3.13 -19.43 -28.15
N LYS C 73 2.08 -19.94 -28.78
CA LYS C 73 2.09 -21.31 -29.26
C LYS C 73 2.87 -21.42 -30.55
N ASP C 74 3.13 -20.28 -31.18
CA ASP C 74 4.03 -20.20 -32.33
C ASP C 74 5.47 -20.29 -31.85
N LEU C 75 5.89 -19.29 -31.07
CA LEU C 75 7.29 -19.11 -30.74
C LEU C 75 7.83 -20.22 -29.84
N PHE C 76 7.15 -20.51 -28.72
CA PHE C 76 7.65 -21.46 -27.74
C PHE C 76 6.62 -22.57 -27.52
N PRO C 77 6.49 -23.50 -28.47
CA PRO C 77 5.55 -24.60 -28.26
C PRO C 77 5.94 -25.53 -27.14
N ASN C 78 7.22 -25.86 -27.02
CA ASN C 78 7.68 -26.86 -26.06
C ASN C 78 8.25 -26.30 -24.77
N LEU C 79 8.24 -24.98 -24.57
CA LEU C 79 8.82 -24.44 -23.35
C LEU C 79 8.06 -24.99 -22.15
N THR C 80 8.78 -25.42 -21.12
CA THR C 80 8.11 -26.06 -19.99
C THR C 80 8.48 -25.49 -18.63
N VAL C 81 9.69 -24.95 -18.46
CA VAL C 81 10.11 -24.54 -17.14
C VAL C 81 10.85 -23.21 -17.21
N ILE C 82 10.38 -22.24 -16.46
CA ILE C 82 11.12 -21.00 -16.25
C ILE C 82 11.65 -21.10 -14.84
N ARG C 83 12.95 -21.33 -14.70
CA ARG C 83 13.52 -21.60 -13.39
C ARG C 83 13.42 -20.37 -12.48
N GLY C 84 13.59 -19.18 -13.02
CA GLY C 84 13.58 -17.98 -12.20
C GLY C 84 14.72 -17.87 -11.20
N SER C 85 15.92 -18.32 -11.57
CA SER C 85 17.08 -18.14 -10.70
C SER C 85 17.33 -16.67 -10.42
N ARG C 86 17.23 -15.84 -11.44
CA ARG C 86 17.29 -14.39 -11.32
C ARG C 86 15.97 -13.87 -11.86
N LEU C 87 15.30 -13.01 -11.12
CA LEU C 87 13.98 -12.58 -11.53
C LEU C 87 14.04 -11.21 -12.18
N PHE C 88 12.92 -10.83 -12.79
CA PHE C 88 12.84 -9.48 -13.35
C PHE C 88 12.66 -8.44 -12.26
N PHE C 89 11.64 -8.60 -11.42
CA PHE C 89 11.37 -7.64 -10.37
C PHE C 89 10.96 -8.42 -9.14
N ASN C 90 9.85 -9.12 -9.21
CA ASN C 90 9.62 -10.29 -8.38
C ASN C 90 8.99 -11.38 -9.23
N TYR C 91 9.21 -11.30 -10.54
CA TYR C 91 8.44 -11.98 -11.56
C TYR C 91 9.35 -12.79 -12.46
N ALA C 92 8.88 -13.97 -12.85
CA ALA C 92 9.61 -14.83 -13.77
C ALA C 92 9.06 -14.73 -15.17
N LEU C 93 7.75 -14.89 -15.32
CA LEU C 93 7.09 -14.68 -16.59
C LEU C 93 6.48 -13.28 -16.55
N VAL C 94 6.84 -12.44 -17.50
CA VAL C 94 6.29 -11.09 -17.59
C VAL C 94 5.81 -10.88 -19.01
N ILE C 95 4.55 -10.50 -19.15
CA ILE C 95 3.92 -10.28 -20.44
C ILE C 95 3.18 -8.96 -20.35
N PHE C 96 3.77 -7.92 -20.91
CA PHE C 96 3.42 -6.54 -20.58
C PHE C 96 3.12 -5.77 -21.86
N GLU C 97 1.92 -5.21 -21.93
CA GLU C 97 1.48 -4.42 -23.07
C GLU C 97 1.65 -5.14 -24.40
N MET C 98 1.41 -6.45 -24.41
CA MET C 98 1.52 -7.18 -25.67
C MET C 98 0.28 -6.89 -26.49
N VAL C 99 0.44 -6.06 -27.51
CA VAL C 99 -0.69 -5.37 -28.12
C VAL C 99 -1.60 -6.33 -28.88
N HIS C 100 -1.03 -7.28 -29.59
CA HIS C 100 -1.82 -8.17 -30.43
C HIS C 100 -1.99 -9.56 -29.85
N LEU C 101 -1.46 -9.83 -28.68
CA LEU C 101 -1.38 -11.19 -28.16
C LEU C 101 -2.78 -11.70 -27.84
N LYS C 102 -3.27 -12.63 -28.65
CA LYS C 102 -4.65 -13.09 -28.56
C LYS C 102 -4.85 -14.13 -27.46
N GLU C 103 -3.96 -15.10 -27.37
CA GLU C 103 -4.13 -16.18 -26.39
C GLU C 103 -2.78 -16.75 -26.02
N LEU C 104 -2.56 -16.95 -24.73
CA LEU C 104 -1.28 -17.50 -24.29
C LEU C 104 -1.15 -18.91 -24.84
N GLY C 105 0.01 -19.19 -25.45
CA GLY C 105 0.20 -20.46 -26.10
C GLY C 105 1.22 -21.36 -25.45
N LEU C 106 1.64 -21.06 -24.23
CA LEU C 106 2.67 -21.85 -23.58
C LEU C 106 2.03 -23.09 -22.99
N TYR C 107 1.45 -23.91 -23.87
CA TYR C 107 0.74 -25.08 -23.40
C TYR C 107 1.67 -26.06 -22.71
N ASN C 108 2.87 -26.24 -23.24
CA ASN C 108 3.79 -27.15 -22.60
C ASN C 108 4.27 -26.65 -21.25
N LEU C 109 4.24 -25.35 -20.99
CA LEU C 109 4.78 -24.83 -19.75
C LEU C 109 4.16 -25.54 -18.58
N MET C 110 5.00 -26.05 -17.67
CA MET C 110 4.49 -26.85 -16.57
C MET C 110 4.96 -26.35 -15.21
N ASN C 111 6.11 -25.70 -15.15
CA ASN C 111 6.59 -25.25 -13.86
C ASN C 111 7.20 -23.88 -14.00
N ILE C 112 7.01 -23.03 -13.00
CA ILE C 112 7.86 -21.87 -12.78
C ILE C 112 8.49 -22.00 -11.40
N THR C 113 9.80 -22.19 -11.36
CA THR C 113 10.43 -22.68 -10.15
C THR C 113 10.54 -21.60 -9.09
N ARG C 114 10.66 -20.34 -9.51
CA ARG C 114 10.78 -19.24 -8.57
C ARG C 114 10.19 -17.99 -9.19
N GLY C 115 9.72 -17.10 -8.34
CA GLY C 115 9.09 -15.88 -8.82
C GLY C 115 7.74 -16.13 -9.46
N SER C 116 7.05 -15.05 -9.79
CA SER C 116 5.64 -15.10 -10.15
C SER C 116 5.46 -14.78 -11.63
N VAL C 117 4.18 -14.77 -12.02
CA VAL C 117 3.73 -14.38 -13.33
C VAL C 117 3.16 -12.97 -13.26
N ARG C 118 3.56 -12.11 -14.19
CA ARG C 118 2.85 -10.85 -14.41
C ARG C 118 2.39 -10.79 -15.86
N ILE C 119 1.10 -10.64 -16.07
CA ILE C 119 0.50 -10.62 -17.40
C ILE C 119 -0.47 -9.44 -17.43
N GLU C 120 0.02 -8.29 -17.86
CA GLU C 120 -0.64 -7.01 -17.64
C GLU C 120 -0.76 -6.21 -18.92
N LYS C 121 -1.92 -5.59 -19.12
CA LYS C 121 -2.21 -4.65 -20.20
C LYS C 121 -2.24 -5.28 -21.58
N ASN C 122 -2.48 -6.59 -21.69
CA ASN C 122 -2.52 -7.26 -22.99
C ASN C 122 -3.93 -7.18 -23.54
N ASN C 123 -4.22 -6.08 -24.25
CA ASN C 123 -5.59 -5.64 -24.45
C ASN C 123 -6.43 -6.59 -25.28
N GLU C 124 -5.84 -7.59 -25.92
CA GLU C 124 -6.60 -8.57 -26.67
C GLU C 124 -6.46 -9.99 -26.12
N LEU C 125 -5.78 -10.15 -24.99
CA LEU C 125 -5.40 -11.46 -24.48
C LEU C 125 -6.54 -12.15 -23.75
N CYS C 126 -7.09 -13.21 -24.35
CA CYS C 126 -8.05 -14.05 -23.68
C CYS C 126 -7.34 -15.31 -23.16
N TYR C 127 -8.11 -16.34 -22.81
CA TYR C 127 -7.55 -17.62 -22.43
C TYR C 127 -6.64 -17.54 -21.20
N LEU C 128 -6.91 -16.58 -20.33
CA LEU C 128 -6.19 -16.48 -19.06
C LEU C 128 -6.94 -17.13 -17.93
N ALA C 129 -8.25 -16.94 -17.87
CA ALA C 129 -9.06 -17.59 -16.85
C ALA C 129 -9.07 -19.09 -17.00
N THR C 130 -8.83 -19.58 -18.21
CA THR C 130 -8.73 -21.02 -18.42
C THR C 130 -7.49 -21.60 -17.74
N ILE C 131 -6.35 -20.89 -17.76
CA ILE C 131 -5.14 -21.48 -17.21
C ILE C 131 -5.35 -21.74 -15.74
N ASP C 132 -4.82 -22.87 -15.26
CA ASP C 132 -4.79 -23.19 -13.84
C ASP C 132 -3.39 -22.89 -13.33
N TRP C 133 -3.17 -21.67 -12.87
CA TRP C 133 -1.84 -21.24 -12.45
C TRP C 133 -1.32 -22.01 -11.25
N SER C 134 -2.21 -22.59 -10.44
CA SER C 134 -1.74 -23.36 -9.30
C SER C 134 -0.86 -24.51 -9.75
N ARG C 135 -1.21 -25.14 -10.87
CA ARG C 135 -0.37 -26.22 -11.40
C ARG C 135 0.96 -25.68 -11.89
N ILE C 136 0.95 -24.49 -12.49
CA ILE C 136 2.17 -23.91 -13.04
C ILE C 136 3.11 -23.46 -11.94
N LEU C 137 2.60 -22.75 -10.94
CA LEU C 137 3.50 -22.20 -9.92
C LEU C 137 2.80 -22.20 -8.56
N ASP C 138 3.60 -22.36 -7.50
CA ASP C 138 3.04 -22.41 -6.14
C ASP C 138 2.41 -21.09 -5.71
N SER C 139 3.08 -19.97 -5.98
CA SER C 139 2.63 -18.68 -5.48
C SER C 139 1.61 -18.03 -6.43
N VAL C 140 0.40 -18.57 -6.40
CA VAL C 140 -0.68 -18.00 -7.19
C VAL C 140 -1.01 -16.59 -6.71
N GLU C 141 -0.94 -16.37 -5.39
CA GLU C 141 -1.31 -15.06 -4.85
C GLU C 141 -0.39 -13.98 -5.39
N ASP C 142 0.91 -14.25 -5.46
CA ASP C 142 1.84 -13.27 -5.99
C ASP C 142 1.65 -13.04 -7.48
N ASN C 143 1.08 -14.02 -8.19
CA ASN C 143 0.85 -13.87 -9.62
C ASN C 143 -0.08 -12.67 -9.84
N HIS C 144 0.24 -11.86 -10.84
CA HIS C 144 -0.42 -10.58 -11.10
C HIS C 144 -0.94 -10.54 -12.54
N ILE C 145 -2.24 -10.69 -12.74
CA ILE C 145 -2.82 -10.80 -14.08
C ILE C 145 -4.03 -9.88 -14.18
N VAL C 146 -3.86 -8.72 -14.84
CA VAL C 146 -4.83 -7.64 -14.78
C VAL C 146 -4.78 -6.85 -16.08
N LEU C 147 -5.88 -6.18 -16.40
CA LEU C 147 -6.01 -5.27 -17.53
C LEU C 147 -5.90 -5.96 -18.88
N ASN C 148 -6.19 -7.25 -18.96
CA ASN C 148 -6.22 -7.96 -20.24
C ASN C 148 -7.64 -7.96 -20.81
N LYS C 149 -7.78 -8.53 -22.01
CA LYS C 149 -9.10 -8.64 -22.62
C LYS C 149 -10.02 -9.51 -21.79
N ASP C 150 -9.48 -10.56 -21.16
CA ASP C 150 -10.31 -11.41 -20.32
C ASP C 150 -10.79 -10.66 -19.09
N ASP C 151 -10.23 -9.49 -18.82
CA ASP C 151 -10.56 -8.66 -17.68
C ASP C 151 -11.38 -7.44 -18.08
N ASN C 152 -11.68 -7.29 -19.37
CA ASN C 152 -12.35 -6.12 -19.89
C ASN C 152 -13.60 -6.50 -20.67
N GLU C 153 -13.61 -7.69 -21.27
CA GLU C 153 -14.60 -8.06 -22.26
C GLU C 153 -15.03 -9.50 -22.03
N GLU C 154 -15.86 -10.00 -22.92
CA GLU C 154 -16.21 -11.41 -22.93
C GLU C 154 -15.15 -12.14 -23.73
N CYS C 155 -14.85 -13.38 -23.34
CA CYS C 155 -13.93 -14.22 -24.09
C CYS C 155 -14.63 -15.52 -24.44
N GLY C 156 -14.67 -15.84 -25.72
CA GLY C 156 -15.25 -17.11 -26.16
C GLY C 156 -14.23 -18.22 -26.07
N ASP C 157 -13.83 -18.57 -24.86
CA ASP C 157 -12.78 -19.56 -24.66
C ASP C 157 -13.32 -20.98 -24.66
N ILE C 158 -13.91 -21.37 -25.78
CA ILE C 158 -14.36 -22.75 -25.92
C ILE C 158 -13.14 -23.60 -26.26
N CYS C 159 -13.04 -24.77 -25.64
CA CYS C 159 -11.93 -25.68 -25.87
C CYS C 159 -12.43 -27.12 -26.00
N PRO C 160 -13.18 -27.42 -27.08
CA PRO C 160 -13.71 -28.78 -27.23
C PRO C 160 -12.60 -29.81 -27.36
N CYS C 169 -11.14 -31.34 -22.02
CA CYS C 169 -9.90 -30.90 -21.39
C CYS C 169 -10.08 -30.83 -19.88
N PRO C 170 -9.00 -31.07 -19.13
CA PRO C 170 -9.11 -31.14 -17.66
C PRO C 170 -9.87 -29.97 -17.07
N ALA C 171 -10.82 -30.28 -16.19
CA ALA C 171 -11.60 -29.28 -15.48
C ALA C 171 -11.20 -29.30 -14.01
N THR C 172 -10.88 -28.13 -13.47
CA THR C 172 -10.42 -28.05 -12.10
C THR C 172 -11.41 -27.24 -11.27
N VAL C 173 -11.36 -27.46 -9.96
CA VAL C 173 -12.29 -26.84 -9.02
C VAL C 173 -11.74 -25.52 -8.50
N ILE C 174 -10.63 -25.05 -9.07
CA ILE C 174 -10.10 -23.75 -8.67
C ILE C 174 -11.15 -22.67 -8.95
N ASN C 175 -11.79 -22.75 -10.11
CA ASN C 175 -12.91 -21.89 -10.44
C ASN C 175 -14.18 -22.45 -9.80
N GLY C 176 -15.19 -21.60 -9.66
CA GLY C 176 -16.40 -22.02 -8.99
C GLY C 176 -17.09 -23.18 -9.68
N GLN C 177 -17.14 -23.15 -11.00
CA GLN C 177 -17.72 -24.23 -11.79
C GLN C 177 -16.61 -25.17 -12.25
N PHE C 178 -16.97 -26.14 -13.07
CA PHE C 178 -15.98 -27.07 -13.63
C PHE C 178 -15.55 -26.57 -15.01
N VAL C 179 -14.83 -25.45 -14.98
CA VAL C 179 -14.36 -24.86 -16.22
C VAL C 179 -13.19 -25.68 -16.75
N GLU C 180 -13.24 -26.02 -18.02
CA GLU C 180 -12.12 -26.70 -18.63
C GLU C 180 -10.93 -25.76 -18.70
N ARG C 181 -9.76 -26.28 -18.35
CA ARG C 181 -8.53 -25.49 -18.34
C ARG C 181 -7.82 -25.67 -19.67
N CYS C 182 -7.60 -24.57 -20.40
CA CYS C 182 -7.00 -24.66 -21.72
C CYS C 182 -6.12 -23.46 -22.01
N TRP C 183 -4.92 -23.72 -22.52
CA TRP C 183 -4.07 -22.61 -22.95
C TRP C 183 -4.66 -21.92 -24.17
N THR C 184 -5.12 -22.70 -25.15
CA THR C 184 -5.70 -22.18 -26.38
C THR C 184 -6.82 -23.12 -26.80
N HIS C 185 -7.51 -22.74 -27.87
CA HIS C 185 -8.57 -23.59 -28.42
C HIS C 185 -8.04 -24.97 -28.80
N SER C 186 -6.75 -25.05 -29.15
CA SER C 186 -6.17 -26.31 -29.55
C SER C 186 -5.69 -27.15 -28.38
N HIS C 187 -5.27 -26.51 -27.28
CA HIS C 187 -4.38 -27.14 -26.33
C HIS C 187 -4.99 -27.15 -24.94
N CYS C 188 -5.26 -28.36 -24.43
CA CYS C 188 -5.64 -28.55 -23.04
C CYS C 188 -4.53 -28.10 -22.10
N GLN C 189 -4.91 -27.86 -20.85
CA GLN C 189 -3.93 -27.62 -19.81
C GLN C 189 -3.49 -28.98 -19.29
N LYS C 190 -2.18 -29.20 -19.18
CA LYS C 190 -1.67 -30.53 -18.84
C LYS C 190 -1.74 -30.77 -17.35
N VAL C 191 -2.95 -31.03 -16.87
CA VAL C 191 -3.13 -31.35 -15.46
C VAL C 191 -2.61 -32.76 -15.19
N CYS C 192 -1.89 -32.93 -14.08
CA CYS C 192 -1.38 -34.25 -13.73
C CYS C 192 -1.81 -34.61 -12.32
N PRO C 193 -2.21 -35.88 -12.10
CA PRO C 193 -2.63 -36.37 -10.79
C PRO C 193 -1.96 -35.73 -9.59
N THR C 194 -2.72 -35.62 -8.50
CA THR C 194 -2.25 -34.93 -7.31
C THR C 194 -0.96 -35.55 -6.78
N ILE C 195 -0.84 -36.87 -6.85
CA ILE C 195 0.34 -37.54 -6.33
C ILE C 195 1.60 -37.04 -7.02
N CYS C 196 1.56 -36.91 -8.34
CA CYS C 196 2.68 -36.32 -9.08
C CYS C 196 2.36 -34.85 -9.27
N LYS C 197 2.85 -34.03 -8.36
CA LYS C 197 2.51 -32.61 -8.41
C LYS C 197 3.58 -31.74 -9.03
N SER C 198 4.83 -32.19 -9.06
CA SER C 198 5.91 -31.33 -9.54
C SER C 198 6.80 -32.00 -10.57
N HIS C 199 6.45 -33.20 -11.03
CA HIS C 199 7.19 -33.85 -12.09
C HIS C 199 6.32 -34.32 -13.26
N GLY C 200 5.03 -34.51 -13.08
CA GLY C 200 4.18 -34.72 -14.23
C GLY C 200 4.10 -36.14 -14.74
N CYS C 201 3.48 -36.28 -15.90
CA CYS C 201 3.12 -37.59 -16.40
C CYS C 201 3.30 -37.66 -17.90
N THR C 202 3.28 -38.88 -18.41
CA THR C 202 3.27 -39.14 -19.84
C THR C 202 1.85 -38.96 -20.38
N ALA C 203 1.71 -39.07 -21.69
CA ALA C 203 0.40 -38.87 -22.30
C ALA C 203 -0.61 -39.89 -21.76
N GLU C 204 -0.17 -41.12 -21.54
CA GLU C 204 -1.00 -42.13 -20.89
C GLU C 204 -1.18 -41.88 -19.40
N GLY C 205 -0.56 -40.85 -18.84
CA GLY C 205 -0.70 -40.53 -17.44
C GLY C 205 0.24 -41.25 -16.48
N LEU C 206 1.03 -42.20 -16.95
CA LEU C 206 2.02 -42.85 -16.07
C LEU C 206 3.08 -41.83 -15.70
N CYS C 207 3.20 -41.58 -14.39
CA CYS C 207 4.03 -40.49 -13.91
C CYS C 207 5.49 -40.65 -14.32
N CYS C 208 6.19 -39.53 -14.29
CA CYS C 208 7.60 -39.44 -14.62
C CYS C 208 8.48 -39.78 -13.43
N HIS C 209 9.77 -39.94 -13.71
CA HIS C 209 10.75 -40.11 -12.65
C HIS C 209 10.76 -38.88 -11.74
N SER C 210 11.26 -39.07 -10.53
CA SER C 210 11.21 -38.05 -9.48
C SER C 210 11.97 -36.77 -9.82
N GLU C 211 12.92 -36.81 -10.75
CA GLU C 211 13.62 -35.60 -11.18
C GLU C 211 12.89 -34.83 -12.27
N CYS C 212 11.95 -35.47 -12.96
CA CYS C 212 11.53 -35.01 -14.27
C CYS C 212 10.59 -33.84 -14.13
N LEU C 213 11.16 -32.66 -13.88
CA LEU C 213 10.38 -31.46 -13.70
C LEU C 213 9.44 -31.22 -14.87
N GLY C 214 8.16 -31.15 -14.57
CA GLY C 214 7.14 -30.90 -15.57
C GLY C 214 6.69 -32.04 -16.44
N ASN C 215 7.57 -32.67 -17.22
CA ASN C 215 7.07 -33.57 -18.23
C ASN C 215 8.15 -34.57 -18.59
N CYS C 216 7.75 -35.67 -19.20
CA CYS C 216 8.69 -36.66 -19.67
C CYS C 216 8.13 -37.41 -20.87
N SER C 217 9.04 -37.88 -21.72
CA SER C 217 8.66 -38.66 -22.89
C SER C 217 8.29 -40.08 -22.51
N GLN C 218 9.10 -40.69 -21.65
CA GLN C 218 8.99 -42.08 -21.23
C GLN C 218 8.99 -42.11 -19.72
N PRO C 219 8.09 -42.87 -19.09
CA PRO C 219 7.87 -42.71 -17.66
C PRO C 219 8.94 -43.35 -16.79
N ASP C 220 9.17 -42.70 -15.65
CA ASP C 220 10.14 -43.15 -14.62
C ASP C 220 11.52 -43.45 -15.20
N ASP C 221 11.96 -42.64 -16.15
CA ASP C 221 13.22 -42.87 -16.83
C ASP C 221 13.98 -41.54 -16.91
N PRO C 222 15.02 -41.36 -16.09
CA PRO C 222 15.56 -40.01 -15.84
C PRO C 222 16.39 -39.41 -16.95
N THR C 223 16.64 -40.10 -18.06
CA THR C 223 17.17 -39.43 -19.25
C THR C 223 16.09 -39.07 -20.26
N LYS C 224 14.94 -39.74 -20.22
CA LYS C 224 13.88 -39.50 -21.18
C LYS C 224 12.91 -38.44 -20.68
N CYS C 225 13.40 -37.55 -19.85
CA CYS C 225 12.58 -36.56 -19.17
C CYS C 225 12.89 -35.16 -19.67
N VAL C 226 11.86 -34.32 -19.68
CA VAL C 226 11.93 -33.08 -20.44
C VAL C 226 12.74 -32.03 -19.70
N ALA C 227 12.66 -31.99 -18.38
CA ALA C 227 13.44 -31.04 -17.62
C ALA C 227 13.79 -31.64 -16.27
N CYS C 228 14.75 -31.02 -15.59
CA CYS C 228 15.26 -31.53 -14.33
C CYS C 228 14.75 -30.69 -13.17
N ARG C 229 14.20 -31.37 -12.16
CA ARG C 229 13.78 -30.71 -10.94
C ARG C 229 14.99 -30.19 -10.17
N ASN C 230 16.07 -30.94 -10.13
CA ASN C 230 17.29 -30.46 -9.50
C ASN C 230 18.36 -30.10 -10.51
N PHE C 231 19.10 -31.09 -11.02
CA PHE C 231 20.27 -30.79 -11.83
C PHE C 231 20.29 -31.59 -13.13
N TYR C 232 20.93 -31.02 -14.13
CA TYR C 232 21.27 -31.68 -15.39
C TYR C 232 22.72 -32.10 -15.42
N LEU C 233 22.97 -33.33 -15.83
CA LEU C 233 24.32 -33.80 -16.09
C LEU C 233 24.28 -34.89 -17.14
N ASP C 234 25.16 -34.76 -18.14
CA ASP C 234 25.42 -35.81 -19.15
C ASP C 234 24.14 -36.47 -19.62
N GLY C 235 23.18 -35.64 -20.00
CA GLY C 235 21.96 -36.12 -20.59
C GLY C 235 20.98 -36.75 -19.61
N ARG C 236 21.23 -36.61 -18.31
CA ARG C 236 20.35 -37.20 -17.32
C ARG C 236 20.11 -36.18 -16.24
N CYS C 237 18.91 -36.20 -15.66
CA CYS C 237 18.67 -35.44 -14.45
C CYS C 237 19.23 -36.17 -13.23
N VAL C 238 19.86 -35.41 -12.35
CA VAL C 238 20.56 -35.93 -11.18
C VAL C 238 20.17 -35.07 -10.00
N GLU C 239 20.05 -35.69 -8.83
CA GLU C 239 19.62 -34.95 -7.64
C GLU C 239 20.68 -33.96 -7.18
N THR C 240 21.96 -34.32 -7.29
CA THR C 240 23.05 -33.38 -7.05
C THR C 240 24.23 -33.80 -7.91
N CYS C 241 25.13 -32.87 -8.13
CA CYS C 241 26.30 -33.15 -8.93
C CYS C 241 27.30 -33.99 -8.13
N PRO C 242 27.62 -35.20 -8.59
CA PRO C 242 28.67 -35.95 -7.95
C PRO C 242 30.02 -35.34 -8.27
N PRO C 243 31.00 -35.45 -7.38
CA PRO C 243 32.34 -35.03 -7.72
C PRO C 243 32.86 -35.81 -8.92
N PRO C 244 33.75 -35.20 -9.72
CA PRO C 244 34.25 -33.83 -9.56
C PRO C 244 33.41 -32.77 -10.27
N TYR C 245 32.12 -33.00 -10.47
CA TYR C 245 31.28 -31.97 -11.07
C TYR C 245 30.82 -31.01 -10.00
N TYR C 246 31.19 -29.73 -10.16
CA TYR C 246 30.69 -28.66 -9.33
C TYR C 246 29.35 -28.16 -9.85
N HIS C 247 28.49 -27.72 -8.95
CA HIS C 247 27.21 -27.17 -9.37
C HIS C 247 27.41 -25.81 -10.02
N PHE C 248 26.80 -25.60 -11.18
CA PHE C 248 26.92 -24.36 -11.91
C PHE C 248 25.55 -23.79 -12.23
N GLN C 249 25.32 -22.54 -11.87
CA GLN C 249 24.09 -21.83 -12.17
C GLN C 249 22.88 -22.49 -11.55
N ASP C 250 23.09 -23.29 -10.52
CA ASP C 250 22.02 -23.95 -9.79
C ASP C 250 21.12 -24.80 -10.67
N TRP C 251 21.61 -25.24 -11.83
CA TRP C 251 20.81 -26.13 -12.64
C TRP C 251 21.65 -27.16 -13.37
N ARG C 252 22.96 -26.97 -13.47
CA ARG C 252 23.76 -27.95 -14.18
C ARG C 252 25.11 -28.16 -13.54
N CYS C 253 25.73 -29.27 -13.92
CA CYS C 253 26.99 -29.75 -13.37
C CYS C 253 28.12 -29.48 -14.36
N VAL C 254 29.23 -28.95 -13.87
CA VAL C 254 30.35 -28.57 -14.73
C VAL C 254 31.66 -29.03 -14.10
N ASN C 255 32.60 -29.47 -14.93
CA ASN C 255 33.82 -29.98 -14.34
C ASN C 255 34.79 -28.84 -14.09
N PHE C 256 35.90 -29.17 -13.41
CA PHE C 256 36.84 -28.13 -12.98
C PHE C 256 37.44 -27.37 -14.14
N SER C 257 37.77 -28.06 -15.24
CA SER C 257 38.35 -27.36 -16.38
C SER C 257 37.37 -26.35 -16.94
N PHE C 258 36.07 -26.59 -16.77
CA PHE C 258 35.09 -25.61 -17.22
C PHE C 258 35.14 -24.37 -16.34
N CYS C 259 35.06 -24.55 -15.02
CA CYS C 259 35.14 -23.42 -14.11
C CYS C 259 36.51 -22.75 -14.22
N GLN C 260 37.57 -23.55 -14.36
CA GLN C 260 38.90 -22.96 -14.49
C GLN C 260 38.99 -22.09 -15.73
N ASP C 261 38.43 -22.56 -16.84
CA ASP C 261 38.47 -21.79 -18.08
C ASP C 261 37.72 -20.49 -17.92
N LEU C 262 36.52 -20.54 -17.33
CA LEU C 262 35.74 -19.34 -17.13
C LEU C 262 36.42 -18.37 -16.18
N HIS C 263 37.07 -18.90 -15.15
CA HIS C 263 37.79 -18.04 -14.22
C HIS C 263 38.89 -17.29 -14.92
N HIS C 264 39.60 -17.94 -15.84
CA HIS C 264 40.71 -17.28 -16.50
C HIS C 264 40.24 -16.34 -17.60
N LYS C 265 39.09 -16.62 -18.23
CA LYS C 265 38.52 -15.66 -19.15
C LYS C 265 38.32 -14.31 -18.47
N CYS C 266 37.53 -14.29 -17.40
CA CYS C 266 37.27 -13.04 -16.71
C CYS C 266 38.52 -12.49 -16.04
N LYS C 267 39.51 -13.33 -15.80
CA LYS C 267 40.83 -12.84 -15.42
C LYS C 267 41.50 -12.12 -16.58
N ASN C 268 41.53 -12.75 -17.76
CA ASN C 268 42.25 -12.20 -18.90
C ASN C 268 41.62 -10.90 -19.41
N SER C 269 40.30 -10.84 -19.52
CA SER C 269 39.64 -9.57 -19.80
C SER C 269 38.18 -9.65 -19.38
N ARG C 270 37.56 -8.48 -19.28
CA ARG C 270 36.28 -8.34 -18.57
C ARG C 270 35.23 -7.71 -19.46
N ARG C 271 34.02 -8.27 -19.41
CA ARG C 271 32.83 -7.50 -19.73
C ARG C 271 32.43 -6.64 -18.52
N CYS C 274 32.88 -8.78 -15.25
CA CYS C 274 33.08 -10.21 -15.39
C CYS C 274 33.25 -10.80 -14.00
N HIS C 275 32.99 -12.09 -13.85
CA HIS C 275 33.15 -12.78 -12.57
C HIS C 275 34.05 -13.98 -12.72
N GLN C 276 35.13 -14.05 -11.95
CA GLN C 276 35.93 -15.26 -11.96
C GLN C 276 35.14 -16.31 -11.21
N TYR C 277 34.96 -17.48 -11.81
CA TYR C 277 34.08 -18.49 -11.22
C TYR C 277 34.85 -19.35 -10.22
N VAL C 278 34.96 -18.82 -9.00
CA VAL C 278 35.61 -19.58 -7.93
C VAL C 278 34.67 -20.67 -7.43
N ILE C 279 35.26 -21.70 -6.84
CA ILE C 279 34.49 -22.87 -6.40
C ILE C 279 34.43 -22.89 -4.88
N HIS C 280 33.21 -22.83 -4.35
CA HIS C 280 32.99 -22.96 -2.92
C HIS C 280 31.75 -23.80 -2.67
N ASN C 281 31.89 -24.81 -1.80
CA ASN C 281 30.76 -25.63 -1.34
C ASN C 281 30.16 -26.48 -2.47
N ASN C 282 31.02 -27.17 -3.19
CA ASN C 282 30.64 -27.98 -4.36
C ASN C 282 29.94 -27.18 -5.44
N LYS C 283 30.04 -25.86 -5.44
CA LYS C 283 29.33 -25.06 -6.43
C LYS C 283 30.36 -24.27 -7.21
N CYS C 284 29.89 -23.60 -8.26
CA CYS C 284 30.69 -22.64 -9.01
C CYS C 284 29.93 -21.32 -8.92
N ILE C 285 30.56 -20.33 -8.29
CA ILE C 285 29.89 -19.07 -7.96
C ILE C 285 30.66 -17.87 -8.49
N PRO C 286 29.98 -16.76 -8.77
CA PRO C 286 30.68 -15.60 -9.31
C PRO C 286 31.75 -15.00 -8.41
N GLU C 287 31.51 -14.89 -7.11
CA GLU C 287 32.52 -14.37 -6.21
C GLU C 287 32.71 -15.26 -5.00
N CYS C 288 33.97 -15.37 -4.57
CA CYS C 288 34.33 -16.06 -3.34
C CYS C 288 33.58 -15.43 -2.18
N PRO C 289 32.81 -16.19 -1.42
CA PRO C 289 31.89 -15.59 -0.44
C PRO C 289 32.59 -14.91 0.74
N SER C 290 31.77 -14.31 1.60
CA SER C 290 32.27 -13.62 2.78
C SER C 290 33.08 -14.54 3.67
N GLY C 291 34.26 -14.08 4.05
CA GLY C 291 35.13 -14.86 4.89
C GLY C 291 35.96 -15.90 4.19
N TYR C 292 35.87 -15.97 2.87
CA TYR C 292 36.70 -16.87 2.08
C TYR C 292 37.51 -16.07 1.09
N THR C 293 38.66 -16.62 0.71
CA THR C 293 39.47 -16.06 -0.35
C THR C 293 39.96 -17.19 -1.26
N MET C 294 40.21 -16.86 -2.52
CA MET C 294 40.73 -17.84 -3.47
C MET C 294 42.20 -18.10 -3.21
N ASN C 295 42.58 -19.36 -3.23
CA ASN C 295 43.89 -19.80 -2.78
C ASN C 295 44.74 -20.36 -3.92
N SER C 296 46.04 -20.10 -3.84
CA SER C 296 47.09 -20.83 -4.55
C SER C 296 46.91 -20.92 -6.06
N SER C 297 45.96 -20.17 -6.62
CA SER C 297 45.47 -20.36 -7.98
C SER C 297 44.88 -21.75 -8.20
N ASN C 298 44.34 -22.37 -7.16
CA ASN C 298 43.66 -23.64 -7.31
C ASN C 298 42.18 -23.44 -7.58
N LEU C 299 41.73 -22.19 -7.63
CA LEU C 299 40.32 -21.84 -7.83
C LEU C 299 39.42 -22.49 -6.80
N LEU C 300 39.85 -22.47 -5.55
CA LEU C 300 39.10 -23.06 -4.46
C LEU C 300 39.06 -22.07 -3.32
N CYS C 301 37.85 -21.62 -2.96
CA CYS C 301 37.70 -20.73 -1.83
C CYS C 301 38.13 -21.42 -0.55
N THR C 302 39.00 -20.76 0.21
CA THR C 302 39.40 -21.18 1.53
C THR C 302 39.07 -20.08 2.53
N PRO C 303 38.54 -20.43 3.69
CA PRO C 303 38.27 -19.40 4.70
C PRO C 303 39.54 -18.67 5.11
N CYS C 304 39.45 -17.34 5.17
CA CYS C 304 40.57 -16.52 5.59
C CYS C 304 40.88 -16.73 7.07
N LEU C 305 42.13 -16.46 7.43
CA LEU C 305 42.46 -16.02 8.77
C LEU C 305 42.38 -14.51 8.81
N GLY C 306 41.76 -14.00 9.87
CA GLY C 306 41.34 -12.62 9.90
C GLY C 306 40.15 -12.39 9.01
N PRO C 307 39.34 -11.38 9.35
CA PRO C 307 38.11 -11.14 8.59
C PRO C 307 38.38 -10.72 7.16
N CYS C 308 37.53 -11.22 6.26
CA CYS C 308 37.54 -10.81 4.85
C CYS C 308 36.11 -10.85 4.32
N PRO C 309 35.26 -9.94 4.79
CA PRO C 309 33.86 -9.95 4.39
C PRO C 309 33.69 -9.64 2.91
N LYS C 310 32.56 -10.09 2.35
CA LYS C 310 32.14 -9.67 1.02
C LYS C 310 31.57 -8.27 1.10
N VAL C 311 32.43 -7.27 0.91
CA VAL C 311 31.98 -5.90 0.76
C VAL C 311 31.33 -5.75 -0.62
N CYS C 312 30.10 -5.27 -0.65
CA CYS C 312 29.42 -4.92 -1.89
C CYS C 312 29.29 -3.40 -1.97
N HIS C 313 29.85 -2.83 -3.02
CA HIS C 313 30.04 -1.39 -3.14
C HIS C 313 28.96 -0.82 -4.04
N LEU C 314 28.32 0.25 -3.57
CA LEU C 314 27.08 0.74 -4.17
C LEU C 314 27.32 2.01 -4.99
N LEU C 315 26.63 2.08 -6.12
CA LEU C 315 26.81 3.17 -7.08
C LEU C 315 26.40 4.51 -6.49
N GLU C 316 27.35 5.43 -6.40
CA GLU C 316 27.15 6.74 -5.77
C GLU C 316 26.60 6.63 -4.35
N GLY C 317 26.84 5.51 -3.68
CA GLY C 317 26.53 5.42 -2.27
C GLY C 317 25.09 5.15 -1.91
N GLU C 318 24.27 4.67 -2.84
CA GLU C 318 22.90 4.32 -2.51
C GLU C 318 22.49 3.11 -3.33
N LYS C 319 21.60 2.30 -2.77
CA LYS C 319 21.01 1.18 -3.51
C LYS C 319 19.61 0.97 -2.98
N THR C 320 18.61 1.06 -3.84
CA THR C 320 17.23 0.93 -3.44
C THR C 320 16.75 -0.49 -3.71
N ILE C 321 16.24 -1.14 -2.68
CA ILE C 321 15.67 -2.48 -2.82
C ILE C 321 14.17 -2.30 -2.97
N ASP C 322 13.69 -2.45 -4.20
CA ASP C 322 12.27 -2.32 -4.48
C ASP C 322 11.57 -3.65 -4.60
N SER C 323 12.27 -4.69 -5.03
CA SER C 323 11.62 -5.97 -5.22
C SER C 323 12.63 -7.07 -4.90
N VAL C 324 12.38 -8.26 -5.45
CA VAL C 324 13.27 -9.39 -5.22
C VAL C 324 14.59 -9.20 -5.95
N THR C 325 14.53 -8.79 -7.21
CA THR C 325 15.74 -8.67 -8.01
C THR C 325 16.68 -7.64 -7.43
N SER C 326 16.16 -6.51 -6.94
CA SER C 326 17.02 -5.53 -6.31
C SER C 326 17.66 -6.10 -5.05
N ALA C 327 16.91 -6.90 -4.30
CA ALA C 327 17.46 -7.55 -3.11
C ALA C 327 18.53 -8.57 -3.48
N GLN C 328 18.23 -9.41 -4.46
CA GLN C 328 19.14 -10.48 -4.85
C GLN C 328 20.48 -9.94 -5.30
N GLU C 329 20.50 -8.71 -5.78
CA GLU C 329 21.76 -8.07 -6.13
C GLU C 329 22.66 -7.90 -4.91
N LEU C 330 22.11 -7.96 -3.71
CA LEU C 330 22.87 -7.93 -2.47
C LEU C 330 23.04 -9.29 -1.81
N ARG C 331 22.67 -10.38 -2.48
CA ARG C 331 22.79 -11.71 -1.91
C ARG C 331 24.19 -11.98 -1.41
N GLY C 332 24.30 -12.30 -0.12
CA GLY C 332 25.56 -12.61 0.51
C GLY C 332 26.45 -11.42 0.80
N CYS C 333 25.97 -10.20 0.58
CA CYS C 333 26.78 -9.01 0.73
C CYS C 333 26.90 -8.63 2.21
N THR C 334 27.71 -9.40 2.93
CA THR C 334 27.74 -9.22 4.38
C THR C 334 28.21 -7.84 4.82
N VAL C 335 28.85 -7.06 3.97
CA VAL C 335 29.00 -5.64 4.26
C VAL C 335 28.52 -4.84 3.06
N ILE C 336 27.72 -3.81 3.34
CA ILE C 336 27.29 -2.85 2.34
C ILE C 336 28.14 -1.59 2.50
N ASN C 337 28.91 -1.25 1.47
CA ASN C 337 29.71 -0.03 1.50
C ASN C 337 28.93 1.13 0.92
N GLY C 338 27.71 1.27 1.38
CA GLY C 338 26.86 2.34 0.93
C GLY C 338 25.61 2.39 1.78
N SER C 339 24.72 3.28 1.42
CA SER C 339 23.44 3.39 2.11
C SER C 339 22.40 2.53 1.44
N LEU C 340 21.43 2.07 2.22
CA LEU C 340 20.41 1.15 1.72
C LEU C 340 19.03 1.78 1.88
N ILE C 341 18.27 1.78 0.81
CA ILE C 341 16.87 2.21 0.83
C ILE C 341 16.01 1.01 0.51
N ILE C 342 15.02 0.74 1.35
CA ILE C 342 14.06 -0.33 1.10
C ILE C 342 12.75 0.33 0.71
N ASN C 343 12.27 0.05 -0.50
CA ASN C 343 11.00 0.58 -0.98
C ASN C 343 10.18 -0.54 -1.62
N ILE C 344 9.83 -1.55 -0.82
CA ILE C 344 8.97 -2.61 -1.32
C ILE C 344 7.57 -2.04 -1.56
N ARG C 345 6.99 -2.36 -2.70
CA ARG C 345 5.67 -1.86 -3.07
C ARG C 345 4.75 -3.03 -3.36
N GLY C 346 3.46 -2.81 -3.19
CA GLY C 346 2.50 -3.85 -3.49
C GLY C 346 2.07 -4.62 -2.26
N GLY C 347 0.95 -5.33 -2.40
CA GLY C 347 0.34 -6.09 -1.34
C GLY C 347 0.96 -7.44 -1.05
N ASN C 348 2.06 -7.79 -1.74
CA ASN C 348 2.66 -9.09 -1.63
C ASN C 348 3.91 -9.02 -0.77
N ASN C 349 3.93 -9.76 0.33
CA ASN C 349 5.05 -9.76 1.25
C ASN C 349 6.22 -10.53 0.65
N LEU C 350 7.36 -9.86 0.53
CA LEU C 350 8.57 -10.47 0.00
C LEU C 350 9.59 -10.71 1.11
N ALA C 351 9.11 -10.92 2.34
CA ALA C 351 10.00 -11.05 3.49
C ALA C 351 10.93 -12.24 3.34
N ALA C 352 10.39 -13.36 2.84
CA ALA C 352 11.22 -14.56 2.69
C ALA C 352 12.35 -14.31 1.71
N GLU C 353 12.03 -13.68 0.57
CA GLU C 353 13.05 -13.37 -0.42
C GLU C 353 14.05 -12.38 0.13
N LEU C 354 13.58 -11.38 0.87
CA LEU C 354 14.49 -10.42 1.47
C LEU C 354 15.40 -11.11 2.47
N GLU C 355 14.86 -12.07 3.23
CA GLU C 355 15.65 -12.78 4.23
C GLU C 355 16.77 -13.56 3.57
N ALA C 356 16.50 -14.19 2.44
CA ALA C 356 17.52 -14.96 1.75
C ALA C 356 18.66 -14.06 1.28
N ASN C 357 18.33 -12.88 0.80
CA ASN C 357 19.31 -11.99 0.19
C ASN C 357 19.88 -10.96 1.15
N LEU C 358 19.02 -10.26 1.88
CA LEU C 358 19.46 -9.21 2.78
C LEU C 358 19.78 -9.72 4.18
N GLY C 359 19.42 -10.96 4.49
CA GLY C 359 19.62 -11.47 5.83
C GLY C 359 21.08 -11.52 6.25
N LEU C 360 21.97 -11.82 5.32
CA LEU C 360 23.37 -12.01 5.66
C LEU C 360 24.13 -10.72 5.81
N ILE C 361 23.49 -9.57 5.65
CA ILE C 361 24.18 -8.27 5.68
C ILE C 361 24.50 -7.94 7.13
N GLU C 362 25.73 -8.19 7.55
CA GLU C 362 26.09 -7.88 8.93
C GLU C 362 26.18 -6.37 9.16
N GLU C 363 26.69 -5.60 8.21
CA GLU C 363 26.91 -4.18 8.43
C GLU C 363 26.50 -3.33 7.22
N ILE C 364 26.07 -2.11 7.50
CA ILE C 364 25.77 -1.10 6.49
C ILE C 364 26.62 0.13 6.76
N SER C 365 27.30 0.63 5.74
CA SER C 365 28.19 1.76 5.96
C SER C 365 27.42 3.07 5.95
N GLY C 366 26.40 3.18 5.10
CA GLY C 366 25.65 4.41 4.99
C GLY C 366 24.50 4.44 5.95
N TYR C 367 23.38 4.99 5.53
CA TYR C 367 22.16 4.95 6.32
C TYR C 367 21.28 3.83 5.82
N LEU C 368 20.34 3.43 6.65
CA LEU C 368 19.33 2.47 6.25
C LEU C 368 18.00 3.18 6.24
N LYS C 369 17.31 3.17 5.10
CA LYS C 369 16.08 3.90 4.93
C LYS C 369 14.98 2.96 4.47
N ILE C 370 13.90 2.89 5.23
CA ILE C 370 12.69 2.16 4.84
C ILE C 370 11.64 3.19 4.50
N ARG C 371 11.29 3.30 3.22
CA ARG C 371 10.33 4.30 2.79
C ARG C 371 9.25 3.65 1.95
N ARG C 372 7.99 3.95 2.26
CA ARG C 372 6.84 3.49 1.47
C ARG C 372 6.85 1.99 1.26
N SER C 373 7.21 1.25 2.30
CA SER C 373 7.18 -0.20 2.27
C SER C 373 5.81 -0.67 2.75
N TYR C 374 5.04 -1.28 1.86
CA TYR C 374 3.66 -1.62 2.20
C TYR C 374 3.54 -2.95 2.92
N ALA C 375 3.90 -4.05 2.26
CA ALA C 375 3.64 -5.35 2.84
C ALA C 375 4.70 -5.78 3.84
N LEU C 376 5.61 -4.89 4.25
CA LEU C 376 6.71 -5.27 5.13
C LEU C 376 6.26 -5.11 6.58
N VAL C 377 5.78 -6.22 7.17
CA VAL C 377 5.34 -6.21 8.56
C VAL C 377 6.53 -5.97 9.48
N SER C 378 7.69 -6.53 9.16
CA SER C 378 8.84 -6.45 10.02
C SER C 378 10.10 -6.23 9.20
N LEU C 379 11.10 -5.66 9.85
CA LEU C 379 12.42 -5.49 9.25
C LEU C 379 13.33 -6.60 9.68
N SER C 380 12.76 -7.66 10.23
CA SER C 380 13.55 -8.78 10.72
C SER C 380 14.10 -9.62 9.61
N PHE C 381 13.79 -9.31 8.35
CA PHE C 381 14.41 -10.05 7.26
C PHE C 381 15.92 -9.93 7.34
N PHE C 382 16.41 -8.77 7.77
CA PHE C 382 17.82 -8.71 8.07
C PHE C 382 18.05 -9.64 9.24
N ARG C 383 18.91 -10.63 9.08
CA ARG C 383 19.05 -11.60 10.16
C ARG C 383 20.26 -11.31 11.02
N LYS C 384 21.20 -10.50 10.53
CA LYS C 384 22.42 -10.28 11.29
C LYS C 384 22.94 -8.85 11.15
N LEU C 385 22.09 -7.93 10.72
CA LEU C 385 22.51 -6.54 10.63
C LEU C 385 22.78 -6.00 12.03
N ARG C 386 24.02 -5.60 12.28
CA ARG C 386 24.42 -5.15 13.59
C ARG C 386 24.94 -3.74 13.63
N LEU C 387 25.27 -3.14 12.50
CA LEU C 387 25.86 -1.81 12.49
C LEU C 387 25.35 -0.97 11.33
N ILE C 388 25.00 0.28 11.63
CA ILE C 388 24.69 1.28 10.62
C ILE C 388 25.72 2.39 10.82
N ARG C 389 26.87 2.25 10.18
CA ARG C 389 27.99 3.14 10.44
C ARG C 389 27.66 4.60 10.20
N GLY C 390 26.61 4.88 9.42
CA GLY C 390 26.22 6.23 9.12
C GLY C 390 27.33 7.09 8.55
N GLU C 391 28.25 6.50 7.78
CA GLU C 391 29.36 7.30 7.25
C GLU C 391 28.85 8.34 6.27
N THR C 392 28.04 7.92 5.31
CA THR C 392 27.05 8.79 4.69
C THR C 392 25.75 8.69 5.47
N LEU C 393 24.98 9.76 5.44
CA LEU C 393 23.75 9.86 6.19
C LEU C 393 22.65 10.35 5.28
N GLU C 394 21.42 10.00 5.61
CA GLU C 394 20.28 10.60 4.93
C GLU C 394 20.15 12.05 5.40
N ILE C 395 19.72 12.92 4.48
CA ILE C 395 19.76 14.35 4.76
C ILE C 395 18.92 14.68 5.98
N GLY C 396 19.47 15.50 6.86
CA GLY C 396 19.07 15.56 8.25
C GLY C 396 19.98 14.79 9.17
N ASN C 397 21.14 14.36 8.69
CA ASN C 397 22.13 13.58 9.44
C ASN C 397 21.56 12.30 10.02
N TYR C 398 20.52 11.73 9.40
CA TYR C 398 19.95 10.47 9.89
C TYR C 398 20.80 9.29 9.44
N SER C 399 20.93 8.31 10.33
CA SER C 399 21.49 7.03 9.95
C SER C 399 20.44 5.93 9.82
N PHE C 400 19.32 6.06 10.50
CA PHE C 400 18.19 5.17 10.31
C PHE C 400 16.99 6.02 9.98
N TYR C 401 16.33 5.72 8.88
CA TYR C 401 15.21 6.52 8.39
C TYR C 401 14.08 5.57 8.04
N ALA C 402 12.88 5.86 8.52
CA ALA C 402 11.70 5.06 8.20
C ALA C 402 10.51 5.96 8.02
N LEU C 403 9.92 5.93 6.82
CA LEU C 403 8.86 6.85 6.46
C LEU C 403 7.75 6.10 5.74
N ASP C 404 6.51 6.41 6.10
CA ASP C 404 5.29 5.96 5.41
C ASP C 404 5.10 4.45 5.37
N ASN C 405 5.82 3.67 6.17
CA ASN C 405 5.75 2.21 6.05
C ASN C 405 4.44 1.70 6.63
N GLN C 406 3.56 1.18 5.76
CA GLN C 406 2.13 1.11 6.06
C GLN C 406 1.70 -0.09 6.90
N ASN C 407 2.47 -1.17 6.90
CA ASN C 407 2.15 -2.33 7.74
C ASN C 407 3.29 -2.70 8.67
N LEU C 408 4.32 -1.88 8.76
CA LEU C 408 5.43 -2.14 9.65
C LEU C 408 4.94 -2.27 11.08
N ARG C 409 5.12 -3.44 11.68
CA ARG C 409 4.68 -3.72 13.04
C ARG C 409 5.81 -3.83 14.04
N GLN C 410 7.01 -4.21 13.58
CA GLN C 410 8.16 -4.27 14.46
C GLN C 410 9.44 -4.17 13.64
N LEU C 411 10.49 -3.69 14.28
CA LEU C 411 11.80 -3.68 13.66
C LEU C 411 12.43 -5.01 14.02
N TRP C 412 13.74 -5.05 14.24
CA TRP C 412 14.33 -6.27 14.74
C TRP C 412 13.79 -6.54 16.14
N ASP C 413 13.53 -7.81 16.44
CA ASP C 413 13.10 -8.15 17.78
C ASP C 413 14.24 -7.84 18.75
N TRP C 414 14.09 -6.81 19.56
CA TRP C 414 15.20 -6.36 20.39
C TRP C 414 15.43 -7.26 21.58
N SER C 415 14.61 -8.28 21.75
CA SER C 415 14.85 -9.29 22.77
C SER C 415 16.09 -10.10 22.43
N LYS C 416 16.39 -10.19 21.13
CA LYS C 416 17.46 -11.04 20.63
C LYS C 416 18.52 -10.21 19.90
N HIS C 417 18.17 -9.60 18.77
CA HIS C 417 19.15 -8.92 17.93
C HIS C 417 19.63 -7.60 18.50
N ASN C 418 20.84 -7.23 18.11
CA ASN C 418 21.44 -5.95 18.47
C ASN C 418 21.79 -5.21 17.18
N LEU C 419 21.35 -3.97 17.09
CA LEU C 419 21.71 -3.09 16.00
C LEU C 419 22.23 -1.78 16.57
N THR C 420 23.41 -1.36 16.15
CA THR C 420 24.05 -0.15 16.66
C THR C 420 24.25 0.83 15.52
N THR C 421 24.32 2.11 15.86
CA THR C 421 24.61 3.15 14.89
C THR C 421 25.86 3.90 15.34
N THR C 422 26.84 3.98 14.46
CA THR C 422 28.09 4.62 14.86
C THR C 422 27.93 6.13 14.92
N GLN C 423 27.07 6.68 14.06
CA GLN C 423 26.76 8.11 14.04
C GLN C 423 25.40 8.27 13.39
N GLY C 424 24.89 9.50 13.41
CA GLY C 424 23.61 9.81 12.83
C GLY C 424 22.43 9.52 13.73
N LYS C 425 21.34 10.25 13.46
CA LYS C 425 20.09 10.26 14.20
C LYS C 425 19.14 9.16 13.73
N LEU C 426 18.10 8.93 14.53
CA LEU C 426 16.95 8.14 14.11
C LEU C 426 15.83 9.03 13.56
N PHE C 427 15.10 8.50 12.58
CA PHE C 427 13.92 9.15 12.02
C PHE C 427 12.81 8.13 11.81
N PHE C 428 11.60 8.48 12.27
CA PHE C 428 10.43 7.61 12.19
C PHE C 428 9.18 8.44 11.98
N HIS C 429 8.56 8.35 10.82
CA HIS C 429 7.34 9.11 10.55
C HIS C 429 6.35 8.26 9.77
N TYR C 430 5.08 8.33 10.14
CA TYR C 430 3.98 7.69 9.42
C TYR C 430 4.09 6.17 9.33
N ASN C 431 4.65 5.54 10.33
CA ASN C 431 4.62 4.09 10.42
C ASN C 431 3.40 3.74 11.27
N PRO C 432 2.25 3.43 10.65
CA PRO C 432 1.00 3.41 11.42
C PRO C 432 0.90 2.27 12.42
N LYS C 433 1.48 1.12 12.15
CA LYS C 433 1.34 -0.02 13.03
C LYS C 433 2.58 -0.29 13.86
N LEU C 434 3.65 0.47 13.66
CA LEU C 434 4.90 0.30 14.39
C LEU C 434 4.79 1.03 15.70
N CYS C 435 4.67 0.29 16.80
CA CYS C 435 4.46 0.94 18.08
C CYS C 435 5.72 1.61 18.58
N LEU C 436 5.55 2.79 19.18
CA LEU C 436 6.69 3.54 19.69
C LEU C 436 7.51 2.72 20.67
N SER C 437 6.92 1.66 21.23
CA SER C 437 7.69 0.75 22.07
C SER C 437 8.86 0.19 21.30
N GLU C 438 8.59 -0.31 20.09
CA GLU C 438 9.62 -0.96 19.31
C GLU C 438 10.60 0.03 18.73
N ILE C 439 10.27 1.32 18.77
CA ILE C 439 11.15 2.39 18.32
C ILE C 439 12.03 2.87 19.45
N HIS C 440 11.45 3.01 20.64
CA HIS C 440 12.21 3.48 21.79
C HIS C 440 13.27 2.45 22.18
N LYS C 441 12.96 1.17 22.03
CA LYS C 441 13.95 0.14 22.30
C LYS C 441 15.13 0.27 21.35
N MET C 442 14.86 0.60 20.09
CA MET C 442 15.94 0.86 19.15
C MET C 442 16.78 2.03 19.61
N GLU C 443 16.13 3.09 20.08
CA GLU C 443 16.86 4.29 20.51
C GLU C 443 17.93 3.93 21.52
N GLU C 444 17.65 2.92 22.36
CA GLU C 444 18.61 2.47 23.36
C GLU C 444 19.66 1.54 22.75
N VAL C 445 19.20 0.49 22.07
CA VAL C 445 20.11 -0.51 21.50
C VAL C 445 21.09 0.16 20.53
N SER C 446 20.60 1.10 19.73
CA SER C 446 21.42 1.73 18.71
C SER C 446 22.44 2.70 19.30
N GLY C 447 22.26 3.14 20.53
CA GLY C 447 23.19 4.05 21.15
C GLY C 447 22.96 5.50 20.81
N THR C 448 21.92 5.81 20.04
CA THR C 448 21.61 7.20 19.75
C THR C 448 21.23 7.93 21.03
N LYS C 449 20.43 7.27 21.88
CA LYS C 449 20.06 7.87 23.16
C LYS C 449 21.29 8.10 24.03
N GLY C 450 22.25 7.17 23.96
CA GLY C 450 23.45 7.30 24.76
C GLY C 450 24.23 8.56 24.40
N ARG C 451 24.31 8.89 23.12
CA ARG C 451 24.95 10.12 22.69
C ARG C 451 23.95 11.25 22.54
N GLN C 452 22.71 11.03 22.95
CA GLN C 452 21.66 12.05 22.96
C GLN C 452 21.37 12.60 21.56
N GLU C 453 21.39 11.74 20.55
CA GLU C 453 21.02 12.18 19.22
C GLU C 453 19.57 12.64 19.22
N ARG C 454 19.33 13.86 18.76
CA ARG C 454 17.98 14.40 18.72
C ARG C 454 17.22 13.68 17.61
N ASN C 455 16.77 12.48 17.94
CA ASN C 455 16.09 11.65 16.96
C ASN C 455 14.78 12.29 16.54
N ASP C 456 14.57 12.38 15.23
CA ASP C 456 13.31 12.91 14.69
C ASP C 456 12.30 11.77 14.55
N ILE C 457 11.76 11.37 15.69
CA ILE C 457 10.73 10.34 15.75
C ILE C 457 9.43 11.02 16.14
N ALA C 458 8.43 10.92 15.28
CA ALA C 458 7.19 11.61 15.52
C ALA C 458 6.41 10.87 16.59
N LEU C 459 5.97 11.60 17.60
CA LEU C 459 5.24 10.97 18.69
C LEU C 459 3.90 10.41 18.23
N LYS C 460 3.19 11.13 17.36
CA LYS C 460 1.83 10.72 17.02
C LYS C 460 1.66 10.36 15.54
N THR C 461 2.70 9.88 14.88
CA THR C 461 2.55 9.33 13.55
C THR C 461 2.98 7.88 13.49
N ASN C 462 3.68 7.39 14.51
CA ASN C 462 4.15 6.02 14.57
C ASN C 462 3.25 5.23 15.52
N GLY C 463 2.68 4.13 15.02
CA GLY C 463 1.93 3.23 15.85
C GLY C 463 0.53 3.64 16.24
N ASP C 464 0.03 4.76 15.70
CA ASP C 464 -1.31 5.21 16.06
C ASP C 464 -2.38 4.25 15.63
N LYS C 465 -2.11 3.39 14.66
CA LYS C 465 -3.07 2.40 14.18
C LYS C 465 -2.79 1.01 14.72
N ALA C 466 -1.97 0.89 15.76
CA ALA C 466 -1.73 -0.39 16.40
C ALA C 466 -2.00 -0.30 17.90
N SER C 467 -2.51 -1.40 18.46
CA SER C 467 -2.52 -1.58 19.90
C SER C 467 -1.11 -1.47 20.46
N CYS C 468 -0.92 -0.52 21.38
CA CYS C 468 0.40 -0.13 21.85
C CYS C 468 0.58 -0.29 23.35
N GLU C 469 -0.50 -0.46 24.10
CA GLU C 469 -0.44 -0.60 25.55
C GLU C 469 0.22 -1.91 25.95
N ASN C 470 1.33 -1.82 26.68
CA ASN C 470 2.07 -2.99 27.11
C ASN C 470 1.77 -3.41 28.54
N GLU C 471 1.34 -2.47 29.39
CA GLU C 471 0.84 -2.77 30.72
C GLU C 471 -0.59 -3.29 30.62
N LEU C 472 -1.12 -3.82 31.72
CA LEU C 472 -2.44 -4.43 31.73
C LEU C 472 -3.37 -3.73 32.72
N LEU C 473 -4.63 -3.60 32.35
CA LEU C 473 -5.71 -3.22 33.25
C LEU C 473 -6.65 -4.39 33.49
N LYS C 474 -6.99 -4.66 34.75
CA LYS C 474 -7.95 -5.68 35.10
C LYS C 474 -9.21 -5.04 35.68
N PHE C 475 -10.37 -5.56 35.29
CA PHE C 475 -11.67 -5.09 35.79
C PHE C 475 -11.93 -5.62 37.19
N SER C 476 -11.54 -4.83 38.19
CA SER C 476 -11.77 -5.18 39.58
C SER C 476 -13.20 -5.65 39.85
N TYR C 477 -14.18 -5.00 39.23
CA TYR C 477 -15.55 -5.18 39.70
C TYR C 477 -16.53 -4.94 38.56
N ILE C 478 -17.30 -5.98 38.24
CA ILE C 478 -18.39 -5.91 37.28
C ILE C 478 -19.71 -6.00 38.04
N ARG C 479 -20.67 -5.17 37.66
CA ARG C 479 -22.05 -5.31 38.09
C ARG C 479 -22.93 -4.94 36.92
N THR C 480 -24.03 -5.65 36.75
CA THR C 480 -24.79 -5.56 35.52
C THR C 480 -26.28 -5.46 35.81
N SER C 481 -26.99 -4.89 34.85
CA SER C 481 -28.41 -4.60 34.95
C SER C 481 -29.05 -5.02 33.65
N PHE C 482 -30.38 -4.92 33.57
CA PHE C 482 -31.03 -5.22 32.30
C PHE C 482 -30.51 -4.31 31.20
N ASP C 483 -30.31 -3.03 31.50
CA ASP C 483 -29.87 -2.09 30.49
C ASP C 483 -28.54 -1.42 30.80
N LYS C 484 -27.92 -1.71 31.94
CA LYS C 484 -26.71 -1.02 32.39
C LYS C 484 -25.64 -2.03 32.81
N ILE C 485 -24.38 -1.71 32.52
CA ILE C 485 -23.26 -2.51 32.98
C ILE C 485 -22.27 -1.60 33.69
N LEU C 486 -22.23 -1.68 35.01
CA LEU C 486 -21.31 -0.91 35.82
C LEU C 486 -20.01 -1.69 35.91
N LEU C 487 -18.91 -1.07 35.49
CA LEU C 487 -17.61 -1.71 35.55
C LEU C 487 -16.67 -0.83 36.33
N ARG C 488 -15.79 -1.45 37.09
CA ARG C 488 -14.61 -0.79 37.61
C ARG C 488 -13.41 -1.62 37.24
N TRP C 489 -12.25 -0.99 37.13
CA TRP C 489 -11.01 -1.70 36.85
C TRP C 489 -9.92 -1.18 37.76
N GLU C 490 -8.81 -1.91 37.81
CA GLU C 490 -7.70 -1.51 38.67
C GLU C 490 -7.23 -0.10 38.31
N PRO C 491 -6.84 0.70 39.29
CA PRO C 491 -6.25 2.01 38.99
C PRO C 491 -5.02 1.88 38.12
N TYR C 492 -4.77 2.90 37.32
CA TYR C 492 -3.51 3.02 36.60
C TYR C 492 -3.07 4.47 36.61
N TRP C 493 -1.76 4.69 36.70
CA TRP C 493 -1.19 5.99 36.41
C TRP C 493 0.17 5.71 35.79
N PRO C 494 0.54 6.44 34.75
CA PRO C 494 1.90 6.37 34.24
C PRO C 494 2.90 6.79 35.30
N PRO C 495 4.20 6.61 35.05
CA PRO C 495 5.20 7.15 35.97
C PRO C 495 4.96 8.58 36.40
N ASP C 496 4.43 9.42 35.50
CA ASP C 496 3.86 10.70 35.87
C ASP C 496 2.37 10.65 35.58
N PHE C 497 1.56 10.78 36.64
CA PHE C 497 0.11 10.73 36.49
C PHE C 497 -0.41 11.84 35.59
N ARG C 498 0.34 12.92 35.42
CA ARG C 498 -0.09 13.99 34.52
C ARG C 498 -0.08 13.56 33.07
N ASP C 499 0.74 12.56 32.72
CA ASP C 499 0.67 11.96 31.39
C ASP C 499 -0.53 11.07 31.19
N LEU C 500 -1.37 10.86 32.20
CA LEU C 500 -2.66 10.21 31.98
C LEU C 500 -3.67 11.23 31.52
N LEU C 501 -4.12 11.12 30.27
CA LEU C 501 -5.18 11.96 29.74
C LEU C 501 -6.58 11.42 30.05
N GLY C 502 -6.70 10.13 30.30
CA GLY C 502 -7.98 9.53 30.59
C GLY C 502 -7.91 8.05 30.28
N PHE C 503 -9.06 7.40 30.37
CA PHE C 503 -9.23 6.06 29.84
C PHE C 503 -10.08 6.10 28.59
N MET C 504 -10.29 4.93 28.00
CA MET C 504 -11.19 4.77 26.86
C MET C 504 -11.83 3.39 27.00
N LEU C 505 -13.13 3.36 27.24
CA LEU C 505 -13.84 2.10 27.37
C LEU C 505 -14.46 1.73 26.03
N PHE C 506 -14.10 0.57 25.51
CA PHE C 506 -14.60 0.08 24.25
C PHE C 506 -15.62 -0.99 24.55
N TYR C 507 -16.85 -0.83 24.07
CA TYR C 507 -17.81 -1.90 24.19
C TYR C 507 -18.53 -2.13 22.87
N LYS C 508 -18.99 -3.36 22.69
CA LYS C 508 -19.57 -3.80 21.44
C LYS C 508 -20.46 -4.99 21.78
N GLU C 509 -21.48 -5.22 20.95
CA GLU C 509 -22.20 -6.47 21.07
C GLU C 509 -21.28 -7.63 20.73
N ALA C 510 -21.49 -8.74 21.43
CA ALA C 510 -20.69 -9.95 21.22
C ALA C 510 -21.54 -11.17 21.49
N PRO C 511 -22.39 -11.57 20.55
CA PRO C 511 -23.27 -12.71 20.81
C PRO C 511 -22.47 -13.97 21.09
N TYR C 512 -21.39 -14.17 20.34
CA TYR C 512 -20.47 -15.28 20.55
C TYR C 512 -19.13 -14.68 20.98
N GLN C 513 -18.46 -15.34 21.91
CA GLN C 513 -17.21 -14.81 22.48
C GLN C 513 -16.02 -15.16 21.58
N ASN C 514 -16.13 -14.74 20.33
CA ASN C 514 -15.07 -14.92 19.36
C ASN C 514 -14.46 -13.59 18.96
N VAL C 515 -14.79 -12.53 19.69
CA VAL C 515 -14.31 -11.20 19.33
C VAL C 515 -12.80 -11.16 19.38
N THR C 516 -12.20 -10.55 18.37
CA THR C 516 -10.76 -10.44 18.28
C THR C 516 -10.34 -9.08 18.82
N GLU C 517 -9.11 -9.01 19.33
CA GLU C 517 -8.63 -7.78 19.93
C GLU C 517 -8.79 -6.60 18.98
N PHE C 518 -9.00 -5.43 19.57
CA PHE C 518 -8.93 -4.17 18.86
C PHE C 518 -7.60 -4.01 18.15
N ASP C 519 -7.66 -3.86 16.82
CA ASP C 519 -6.45 -3.67 16.03
C ASP C 519 -5.75 -2.36 16.37
N GLY C 520 -6.51 -1.27 16.52
CA GLY C 520 -5.94 0.02 16.81
C GLY C 520 -6.44 1.17 15.94
N GLN C 521 -7.30 0.88 14.96
CA GLN C 521 -7.57 1.83 13.90
C GLN C 521 -8.81 2.71 14.12
N ASP C 522 -9.52 2.53 15.23
CA ASP C 522 -10.66 3.40 15.59
C ASP C 522 -11.71 3.54 14.50
N ALA C 523 -11.88 2.52 13.66
CA ALA C 523 -12.92 2.57 12.64
C ALA C 523 -14.30 2.76 13.27
N CYS C 524 -15.16 3.54 12.60
CA CYS C 524 -16.46 3.93 13.13
C CYS C 524 -17.59 3.13 12.49
N GLY C 525 -17.28 2.08 11.76
CA GLY C 525 -18.26 1.25 11.08
C GLY C 525 -19.36 0.70 11.95
N SER C 526 -20.47 0.30 11.32
CA SER C 526 -21.70 -0.04 12.03
C SER C 526 -21.48 -1.08 13.13
N ASN C 527 -20.51 -1.97 12.94
CA ASN C 527 -20.25 -3.05 13.88
C ASN C 527 -18.91 -2.88 14.59
N SER C 528 -18.41 -1.66 14.68
CA SER C 528 -17.14 -1.37 15.34
C SER C 528 -17.33 -0.93 16.79
N TRP C 529 -16.21 -0.81 17.50
CA TRP C 529 -16.20 -0.50 18.93
C TRP C 529 -16.88 0.83 19.22
N THR C 530 -17.80 0.80 20.18
CA THR C 530 -18.34 2.00 20.81
C THR C 530 -17.32 2.52 21.82
N VAL C 531 -16.42 3.38 21.35
CA VAL C 531 -15.44 4.02 22.23
C VAL C 531 -16.11 5.02 23.13
N VAL C 532 -15.77 4.98 24.41
CA VAL C 532 -16.18 5.96 25.41
C VAL C 532 -14.92 6.52 26.02
N ASP C 533 -14.67 7.82 25.81
CA ASP C 533 -13.59 8.47 26.54
C ASP C 533 -13.97 8.70 27.99
N ILE C 534 -13.01 8.58 28.89
CA ILE C 534 -13.25 8.64 30.34
C ILE C 534 -12.16 9.50 30.97
N ASP C 535 -12.50 10.69 31.42
CA ASP C 535 -11.52 11.52 32.09
C ASP C 535 -11.06 10.83 33.37
N PRO C 536 -9.79 10.97 33.75
CA PRO C 536 -9.24 10.10 34.79
C PRO C 536 -9.71 10.52 36.17
N PRO C 537 -9.72 9.60 37.13
CA PRO C 537 -10.11 9.95 38.50
C PRO C 537 -9.15 10.90 39.19
N LEU C 538 -9.61 11.36 40.35
CA LEU C 538 -8.86 12.23 41.24
C LEU C 538 -7.71 11.50 41.90
N ARG C 539 -6.50 12.01 41.73
CA ARG C 539 -5.36 11.56 42.53
C ARG C 539 -5.61 11.82 44.01
N SER C 540 -5.70 10.75 44.81
CA SER C 540 -6.19 10.88 46.18
C SER C 540 -5.49 9.87 47.08
N ASN C 541 -5.63 10.11 48.39
CA ASN C 541 -5.31 9.19 49.48
C ASN C 541 -3.94 8.55 49.37
N ASP C 542 -3.84 7.27 49.72
CA ASP C 542 -2.56 6.58 49.80
C ASP C 542 -1.91 6.47 48.43
N PRO C 543 -0.56 6.28 48.40
CA PRO C 543 0.12 5.90 47.16
C PRO C 543 -0.34 4.55 46.63
N LYS C 544 -1.20 3.86 47.39
CA LYS C 544 -1.94 2.74 46.85
C LYS C 544 -2.85 3.14 45.70
N SER C 545 -3.16 4.44 45.59
CA SER C 545 -4.11 4.96 44.61
C SER C 545 -5.46 4.28 44.76
N GLN C 546 -6.03 4.44 45.95
CA GLN C 546 -7.31 3.84 46.28
C GLN C 546 -8.45 4.63 45.61
N ASN C 547 -8.41 4.62 44.28
CA ASN C 547 -9.48 5.16 43.44
C ASN C 547 -9.58 4.27 42.21
N HIS C 548 -10.26 3.14 42.36
CA HIS C 548 -10.50 2.25 41.24
C HIS C 548 -11.44 2.93 40.25
N PRO C 549 -10.96 3.33 39.07
CA PRO C 549 -11.83 3.98 38.09
C PRO C 549 -13.02 3.11 37.70
N GLY C 550 -14.07 3.75 37.22
CA GLY C 550 -15.21 2.99 36.73
C GLY C 550 -16.05 3.77 35.75
N TRP C 551 -16.96 3.05 35.09
CA TRP C 551 -17.86 3.64 34.11
C TRP C 551 -19.15 2.85 34.05
N LEU C 552 -20.27 3.55 34.01
CA LEU C 552 -21.58 2.94 33.84
C LEU C 552 -22.14 3.29 32.46
N MET C 553 -22.56 2.28 31.72
CA MET C 553 -23.17 2.45 30.40
C MET C 553 -24.65 2.14 30.51
N ARG C 554 -25.50 3.00 29.96
CA ARG C 554 -26.94 2.84 30.09
C ARG C 554 -27.67 2.55 28.78
N GLY C 555 -26.97 2.36 27.68
CA GLY C 555 -27.64 2.19 26.42
C GLY C 555 -27.89 0.77 26.02
N LEU C 556 -27.54 -0.17 26.89
CA LEU C 556 -27.57 -1.59 26.60
C LEU C 556 -28.99 -2.15 26.65
N LYS C 557 -29.15 -3.38 26.16
CA LYS C 557 -30.45 -4.02 26.05
C LYS C 557 -30.45 -5.40 26.69
N PRO C 558 -31.58 -5.84 27.24
CA PRO C 558 -31.60 -7.13 27.95
C PRO C 558 -31.35 -8.32 27.03
N TRP C 559 -30.81 -9.40 27.62
CA TRP C 559 -30.49 -10.66 26.93
C TRP C 559 -29.30 -10.50 25.99
N THR C 560 -28.41 -9.54 26.22
CA THR C 560 -27.34 -9.25 25.26
C THR C 560 -25.96 -9.27 25.92
N GLN C 561 -25.06 -10.04 25.34
CA GLN C 561 -23.68 -10.17 25.81
C GLN C 561 -22.80 -9.19 25.04
N TYR C 562 -22.01 -8.39 25.77
CA TYR C 562 -21.21 -7.32 25.17
C TYR C 562 -19.74 -7.47 25.50
N ALA C 563 -18.88 -7.42 24.49
CA ALA C 563 -17.46 -7.35 24.73
C ALA C 563 -17.10 -5.97 25.27
N ILE C 564 -16.35 -5.91 26.36
CA ILE C 564 -15.81 -4.65 26.86
C ILE C 564 -14.31 -4.79 27.06
N PHE C 565 -13.59 -3.71 26.80
CA PHE C 565 -12.24 -3.55 27.32
C PHE C 565 -11.98 -2.07 27.55
N VAL C 566 -10.98 -1.77 28.36
CA VAL C 566 -10.55 -0.40 28.58
C VAL C 566 -9.11 -0.24 28.13
N LYS C 567 -8.82 0.94 27.57
CA LYS C 567 -7.49 1.38 27.23
C LYS C 567 -7.18 2.62 28.05
N THR C 568 -5.93 2.80 28.42
CA THR C 568 -5.55 4.14 28.88
C THR C 568 -5.43 5.07 27.69
N LEU C 569 -5.36 6.37 28.00
CA LEU C 569 -5.05 7.40 27.03
C LEU C 569 -4.01 8.33 27.64
N VAL C 570 -2.85 8.44 27.00
CA VAL C 570 -1.62 8.86 27.68
C VAL C 570 -0.79 9.76 26.77
N THR C 571 -0.16 10.77 27.37
CA THR C 571 0.72 11.72 26.69
C THR C 571 2.07 11.10 26.37
N PHE C 572 2.34 10.85 25.10
CA PHE C 572 3.67 10.39 24.72
C PHE C 572 4.67 11.52 24.86
N SER C 573 5.93 11.16 25.10
CA SER C 573 6.93 12.17 25.39
C SER C 573 8.32 11.65 25.06
N ASP C 574 9.30 12.56 25.11
CA ASP C 574 10.69 12.20 24.92
C ASP C 574 11.22 11.35 26.06
N GLU C 575 10.47 11.30 27.17
CA GLU C 575 10.84 10.41 28.27
C GLU C 575 10.88 8.96 27.80
N ARG C 576 9.94 8.58 26.93
CA ARG C 576 9.82 7.28 26.26
C ARG C 576 9.31 6.21 27.21
N ARG C 577 8.85 6.57 28.39
CA ARG C 577 8.46 5.56 29.37
C ARG C 577 6.95 5.35 29.44
N THR C 578 6.16 6.10 28.68
CA THR C 578 4.71 6.01 28.76
C THR C 578 4.17 5.35 27.49
N TYR C 579 3.67 4.12 27.64
CA TYR C 579 3.02 3.40 26.56
C TYR C 579 1.56 3.10 26.83
N GLY C 580 1.14 3.08 28.08
CA GLY C 580 -0.25 2.88 28.45
C GLY C 580 -0.54 1.44 28.81
N ALA C 581 -1.78 1.23 29.25
CA ALA C 581 -2.27 -0.08 29.65
C ALA C 581 -3.56 -0.41 28.93
N LYS C 582 -3.83 -1.71 28.79
CA LYS C 582 -5.04 -2.15 28.13
C LYS C 582 -5.54 -3.41 28.82
N SER C 583 -6.86 -3.55 28.89
CA SER C 583 -7.47 -4.79 29.35
C SER C 583 -7.55 -5.81 28.23
N ASP C 584 -7.61 -7.08 28.63
CA ASP C 584 -8.21 -8.10 27.79
C ASP C 584 -9.70 -7.84 27.63
N ILE C 585 -10.26 -8.39 26.55
CA ILE C 585 -11.69 -8.31 26.34
C ILE C 585 -12.41 -9.20 27.34
N ILE C 586 -13.44 -8.64 28.00
CA ILE C 586 -14.30 -9.37 28.92
C ILE C 586 -15.67 -9.43 28.29
N TYR C 587 -16.30 -10.59 28.30
CA TYR C 587 -17.66 -10.73 27.76
C TYR C 587 -18.66 -10.70 28.90
N VAL C 588 -19.31 -9.56 29.09
CA VAL C 588 -20.28 -9.37 30.16
C VAL C 588 -21.67 -9.41 29.53
N GLN C 589 -22.66 -9.80 30.32
CA GLN C 589 -24.02 -9.97 29.81
C GLN C 589 -25.00 -9.22 30.68
N THR C 590 -25.87 -8.43 30.05
CA THR C 590 -26.92 -7.72 30.75
C THR C 590 -28.00 -8.68 31.20
N ASP C 591 -28.69 -8.31 32.28
CA ASP C 591 -29.79 -9.14 32.76
C ASP C 591 -30.96 -9.05 31.78
N ALA C 592 -31.83 -10.06 31.83
CA ALA C 592 -32.96 -10.17 30.92
C ALA C 592 -34.25 -9.83 31.65
N THR C 593 -35.00 -8.87 31.12
CA THR C 593 -36.29 -8.48 31.68
C THR C 593 -37.35 -8.45 30.60
N ASN C 594 -38.60 -8.73 31.00
CA ASN C 594 -39.72 -8.82 30.06
C ASN C 594 -39.82 -7.60 29.17
N LYS D 310 -33.19 30.01 24.01
CA LYS D 310 -32.92 30.32 25.41
C LYS D 310 -31.42 30.36 25.63
N VAL D 311 -30.98 31.09 26.63
CA VAL D 311 -29.57 31.09 27.01
C VAL D 311 -29.27 29.81 27.75
N CYS D 312 -28.09 29.24 27.51
CA CYS D 312 -27.63 28.06 28.22
C CYS D 312 -26.40 28.42 29.05
N HIS D 313 -26.62 28.72 30.32
CA HIS D 313 -25.54 28.64 31.29
C HIS D 313 -25.19 27.18 31.55
N LEU D 314 -24.01 26.78 31.11
CA LEU D 314 -23.46 25.47 31.44
C LEU D 314 -23.16 25.43 32.92
N LEU D 315 -23.89 24.59 33.66
CA LEU D 315 -23.73 24.51 35.10
C LEU D 315 -22.34 24.01 35.48
N GLU D 316 -21.80 23.09 34.70
CA GLU D 316 -20.41 22.66 34.86
C GLU D 316 -19.42 23.64 34.25
N GLY D 317 -19.89 24.63 33.49
CA GLY D 317 -19.05 25.61 32.85
C GLY D 317 -18.19 25.15 31.69
N GLU D 318 -18.05 23.84 31.46
CA GLU D 318 -17.01 23.32 30.58
C GLU D 318 -17.52 22.07 29.88
N LYS D 319 -18.71 22.15 29.31
CA LYS D 319 -19.41 20.97 28.81
C LYS D 319 -18.60 20.28 27.72
N THR D 320 -18.62 18.96 27.73
CA THR D 320 -18.19 18.14 26.62
C THR D 320 -19.42 17.59 25.92
N ILE D 321 -19.42 17.64 24.60
CA ILE D 321 -20.33 16.84 23.79
C ILE D 321 -19.54 15.69 23.18
N ASP D 322 -20.03 14.48 23.37
CA ASP D 322 -19.31 13.27 23.02
C ASP D 322 -20.21 12.26 22.36
N SER D 323 -21.52 12.50 22.33
CA SER D 323 -22.44 11.71 21.53
C SER D 323 -23.70 12.53 21.33
N VAL D 324 -24.53 12.05 20.41
CA VAL D 324 -25.84 12.66 20.16
C VAL D 324 -26.59 12.90 21.46
N THR D 325 -26.63 11.90 22.33
CA THR D 325 -27.38 12.01 23.58
C THR D 325 -26.78 13.00 24.57
N SER D 326 -25.50 13.35 24.41
CA SER D 326 -24.93 14.41 25.23
C SER D 326 -25.22 15.80 24.66
N ALA D 327 -25.38 15.91 23.35
CA ALA D 327 -25.69 17.20 22.73
C ALA D 327 -27.12 17.64 23.04
N GLN D 328 -28.05 16.70 23.20
CA GLN D 328 -29.45 17.03 23.41
C GLN D 328 -29.66 17.86 24.67
N GLU D 329 -28.72 17.84 25.60
CA GLU D 329 -28.74 18.83 26.67
C GLU D 329 -28.76 20.25 26.13
N LEU D 330 -28.10 20.47 25.00
CA LEU D 330 -27.94 21.80 24.42
C LEU D 330 -29.03 22.17 23.42
N ARG D 331 -30.06 21.35 23.23
CA ARG D 331 -31.09 21.67 22.26
C ARG D 331 -31.72 23.01 22.61
N GLY D 332 -31.88 23.86 21.61
CA GLY D 332 -32.52 25.14 21.84
C GLY D 332 -31.67 26.16 22.55
N CYS D 333 -30.35 25.99 22.56
CA CYS D 333 -29.45 26.97 23.17
C CYS D 333 -29.15 28.04 22.14
N THR D 334 -29.70 29.24 22.32
CA THR D 334 -29.31 30.34 21.45
C THR D 334 -27.85 30.69 21.65
N VAL D 335 -27.39 30.75 22.90
CA VAL D 335 -26.00 31.00 23.21
C VAL D 335 -25.59 30.01 24.29
N ILE D 336 -24.28 29.80 24.38
CA ILE D 336 -23.69 28.94 25.40
C ILE D 336 -22.77 29.81 26.23
N ASN D 337 -23.07 29.93 27.52
CA ASN D 337 -22.08 30.46 28.44
C ASN D 337 -21.09 29.38 28.82
N GLY D 338 -19.90 29.81 29.24
CA GLY D 338 -18.81 28.88 29.46
C GLY D 338 -18.31 28.26 28.18
N SER D 339 -17.33 27.38 28.33
CA SER D 339 -16.61 26.80 27.22
C SER D 339 -17.29 25.54 26.72
N LEU D 340 -16.94 25.13 25.50
CA LEU D 340 -17.29 23.81 25.03
C LEU D 340 -16.05 23.02 24.65
N ILE D 341 -16.15 21.72 24.88
CA ILE D 341 -15.26 20.73 24.31
C ILE D 341 -16.14 19.81 23.49
N ILE D 342 -15.61 19.32 22.38
CA ILE D 342 -16.27 18.28 21.63
C ILE D 342 -15.33 17.12 21.43
N ASN D 343 -15.85 15.92 21.61
CA ASN D 343 -15.12 14.69 21.38
C ASN D 343 -16.06 13.68 20.77
N ILE D 344 -16.87 14.12 19.82
CA ILE D 344 -17.83 13.24 19.17
C ILE D 344 -17.08 12.20 18.37
N ARG D 345 -17.32 10.94 18.67
CA ARG D 345 -16.46 9.87 18.20
C ARG D 345 -17.21 8.75 17.49
N GLY D 346 -18.53 8.76 17.50
CA GLY D 346 -19.28 7.80 16.72
C GLY D 346 -20.77 8.07 16.82
N GLY D 347 -21.52 7.31 16.04
CA GLY D 347 -22.96 7.49 15.92
C GLY D 347 -23.52 6.75 14.73
N ASN D 348 -24.83 6.48 14.73
CA ASN D 348 -25.45 5.66 13.71
C ASN D 348 -26.73 6.31 13.21
N ASN D 349 -26.98 6.21 11.90
CA ASN D 349 -28.18 6.73 11.25
C ASN D 349 -28.48 8.16 11.72
N LEU D 350 -27.43 8.99 11.70
CA LEU D 350 -27.36 10.13 12.62
C LEU D 350 -28.50 11.11 12.41
N ALA D 351 -29.07 11.16 11.22
CA ALA D 351 -30.20 12.04 10.91
C ALA D 351 -29.89 13.50 11.28
N ALA D 352 -28.64 13.90 11.07
CA ALA D 352 -28.18 15.27 11.38
C ALA D 352 -28.45 15.68 12.82
N GLU D 353 -28.52 14.72 13.74
CA GLU D 353 -28.95 15.05 15.10
C GLU D 353 -27.93 15.89 15.84
N LEU D 354 -26.70 16.03 15.34
CA LEU D 354 -25.78 16.97 15.96
C LEU D 354 -26.09 18.39 15.53
N GLU D 355 -26.47 18.57 14.26
CA GLU D 355 -26.85 19.87 13.75
C GLU D 355 -28.07 20.42 14.48
N ALA D 356 -29.06 19.57 14.73
CA ALA D 356 -30.30 20.05 15.34
C ALA D 356 -30.04 20.60 16.74
N ASN D 357 -29.29 19.86 17.55
CA ASN D 357 -29.03 20.30 18.92
C ASN D 357 -28.10 21.51 18.97
N LEU D 358 -27.04 21.51 18.17
CA LEU D 358 -26.04 22.57 18.22
C LEU D 358 -26.25 23.66 17.18
N GLY D 359 -27.22 23.51 16.28
CA GLY D 359 -27.39 24.51 15.23
C GLY D 359 -27.77 25.86 15.76
N LEU D 360 -28.65 25.90 16.76
CA LEU D 360 -29.12 27.18 17.28
C LEU D 360 -28.00 28.02 17.87
N ILE D 361 -26.99 27.39 18.47
CA ILE D 361 -25.96 28.14 19.18
C ILE D 361 -25.34 29.19 18.28
N GLU D 362 -25.27 30.42 18.77
CA GLU D 362 -24.67 31.50 18.02
C GLU D 362 -23.43 32.08 18.69
N GLU D 363 -23.41 32.13 20.02
CA GLU D 363 -22.31 32.72 20.76
C GLU D 363 -21.85 31.75 21.83
N ILE D 364 -20.56 31.47 21.89
CA ILE D 364 -19.95 30.66 22.94
C ILE D 364 -19.06 31.57 23.75
N SER D 365 -19.24 31.58 25.07
CA SER D 365 -18.46 32.48 25.91
C SER D 365 -17.02 32.02 26.03
N GLY D 366 -16.83 30.75 26.40
CA GLY D 366 -15.50 30.23 26.64
C GLY D 366 -14.75 29.95 25.36
N TYR D 367 -13.81 29.01 25.45
CA TYR D 367 -13.11 28.54 24.27
C TYR D 367 -13.89 27.39 23.65
N LEU D 368 -13.59 27.10 22.39
CA LEU D 368 -14.17 25.95 21.72
C LEU D 368 -13.07 24.94 21.45
N LYS D 369 -13.17 23.78 22.07
CA LYS D 369 -12.15 22.74 21.96
C LYS D 369 -12.75 21.56 21.22
N ILE D 370 -12.07 21.08 20.20
CA ILE D 370 -12.49 19.86 19.50
C ILE D 370 -11.30 18.90 19.49
N ARG D 371 -11.51 17.71 20.04
CA ARG D 371 -10.42 16.78 20.27
C ARG D 371 -10.87 15.37 19.92
N ARG D 372 -9.96 14.58 19.38
CA ARG D 372 -10.13 13.16 19.11
C ARG D 372 -11.34 12.84 18.25
N SER D 373 -12.00 13.84 17.68
CA SER D 373 -13.40 13.74 17.29
C SER D 373 -13.53 13.04 15.94
N TYR D 374 -13.32 11.73 15.97
CA TYR D 374 -13.14 10.95 14.75
C TYR D 374 -14.35 11.00 13.82
N ALA D 375 -15.56 11.06 14.36
CA ALA D 375 -16.74 10.98 13.49
C ALA D 375 -16.96 12.26 12.69
N LEU D 376 -16.73 13.42 13.30
CA LEU D 376 -17.10 14.67 12.66
C LEU D 376 -16.19 14.98 11.49
N VAL D 377 -16.80 15.32 10.35
CA VAL D 377 -16.08 15.67 9.14
C VAL D 377 -16.14 17.17 8.89
N SER D 378 -17.29 17.76 9.19
CA SER D 378 -17.52 19.19 9.05
C SER D 378 -18.08 19.73 10.35
N LEU D 379 -17.76 20.99 10.65
CA LEU D 379 -18.30 21.63 11.82
C LEU D 379 -19.50 22.49 11.47
N SER D 380 -20.12 22.22 10.32
CA SER D 380 -21.25 23.00 9.89
C SER D 380 -22.51 22.66 10.66
N PHE D 381 -22.45 21.67 11.55
CA PHE D 381 -23.59 21.42 12.44
C PHE D 381 -23.82 22.63 13.34
N PHE D 382 -22.78 23.44 13.57
CA PHE D 382 -22.91 24.71 14.26
C PHE D 382 -23.36 25.72 13.22
N ARG D 383 -24.64 25.58 12.83
CA ARG D 383 -25.14 26.37 11.72
C ARG D 383 -25.09 27.86 12.01
N LYS D 384 -25.52 28.27 13.19
CA LYS D 384 -25.60 29.68 13.51
C LYS D 384 -24.41 30.20 14.28
N LEU D 385 -23.43 29.37 14.58
CA LEU D 385 -22.32 29.83 15.41
C LEU D 385 -21.63 30.99 14.73
N ARG D 386 -21.46 32.08 15.48
CA ARG D 386 -20.88 33.27 14.89
C ARG D 386 -19.97 34.00 15.84
N LEU D 387 -19.79 33.51 17.07
CA LEU D 387 -19.00 34.26 18.04
C LEU D 387 -18.47 33.34 19.12
N ILE D 388 -17.16 33.34 19.30
CA ILE D 388 -16.50 32.75 20.45
C ILE D 388 -15.92 33.95 21.20
N ARG D 389 -16.15 34.02 22.49
CA ARG D 389 -15.86 35.25 23.18
C ARG D 389 -14.54 35.25 23.94
N GLY D 390 -13.95 34.08 24.18
CA GLY D 390 -12.70 34.04 24.90
C GLY D 390 -12.80 34.51 26.33
N GLU D 391 -14.00 34.49 26.91
CA GLU D 391 -14.19 34.82 28.31
C GLU D 391 -13.78 33.68 29.23
N THR D 392 -13.31 32.58 28.65
CA THR D 392 -12.67 31.52 29.41
C THR D 392 -11.75 30.82 28.42
N LEU D 393 -10.49 31.21 28.42
CA LEU D 393 -9.53 30.62 27.50
C LEU D 393 -8.98 29.32 28.04
N GLU D 394 -8.83 28.36 27.15
CA GLU D 394 -8.08 27.15 27.46
C GLU D 394 -6.61 27.52 27.67
N ILE D 395 -5.95 26.77 28.56
CA ILE D 395 -4.56 27.04 28.88
C ILE D 395 -3.72 27.09 27.61
N GLY D 396 -2.86 28.09 27.55
CA GLY D 396 -2.31 28.59 26.31
C GLY D 396 -3.09 29.74 25.72
N ASN D 397 -4.10 30.23 26.44
CA ASN D 397 -4.96 31.33 26.00
C ASN D 397 -5.65 31.05 24.67
N TYR D 398 -5.99 29.79 24.39
CA TYR D 398 -6.66 29.47 23.14
C TYR D 398 -8.16 29.69 23.26
N SER D 399 -8.77 30.09 22.15
CA SER D 399 -10.22 30.18 22.08
C SER D 399 -10.82 29.16 21.14
N PHE D 400 -10.04 28.63 20.23
CA PHE D 400 -10.45 27.52 19.39
C PHE D 400 -9.29 26.52 19.43
N TYR D 401 -9.62 25.25 19.58
CA TYR D 401 -8.58 24.26 19.80
C TYR D 401 -9.01 22.95 19.15
N ALA D 402 -8.49 22.67 17.95
CA ALA D 402 -8.76 21.43 17.25
C ALA D 402 -7.54 20.53 17.37
N LEU D 403 -7.66 19.45 18.14
CA LEU D 403 -6.56 18.52 18.37
C LEU D 403 -6.94 17.13 17.91
N ASP D 404 -6.20 16.61 16.93
CA ASP D 404 -6.35 15.23 16.46
C ASP D 404 -7.74 14.93 15.91
N ASN D 405 -8.43 15.92 15.37
CA ASN D 405 -9.69 15.60 14.69
C ASN D 405 -9.31 14.83 13.44
N GLN D 406 -9.60 13.53 13.42
CA GLN D 406 -9.01 12.71 12.38
C GLN D 406 -9.72 12.80 11.05
N ASN D 407 -11.02 12.95 11.03
CA ASN D 407 -11.72 13.10 9.76
C ASN D 407 -12.27 14.50 9.54
N LEU D 408 -11.86 15.48 10.34
CA LEU D 408 -12.29 16.85 10.11
C LEU D 408 -11.76 17.32 8.78
N ARG D 409 -12.65 17.57 7.82
CA ARG D 409 -12.27 18.05 6.51
C ARG D 409 -12.64 19.50 6.28
N GLN D 410 -13.78 19.93 6.81
CA GLN D 410 -14.24 21.30 6.69
C GLN D 410 -14.34 21.92 8.07
N LEU D 411 -13.54 22.96 8.30
CA LEU D 411 -13.64 23.70 9.54
C LEU D 411 -14.97 24.43 9.59
N TRP D 412 -15.24 25.22 8.58
CA TRP D 412 -16.52 25.88 8.39
C TRP D 412 -16.59 26.32 6.94
N ASP D 413 -17.79 26.57 6.46
CA ASP D 413 -17.96 27.12 5.12
C ASP D 413 -17.82 28.62 5.27
N TRP D 414 -16.60 29.12 5.12
CA TRP D 414 -16.31 30.52 5.40
C TRP D 414 -17.03 31.47 4.46
N SER D 415 -17.45 31.01 3.29
CA SER D 415 -18.25 31.86 2.43
C SER D 415 -19.54 32.29 3.13
N LYS D 416 -20.18 31.37 3.85
CA LYS D 416 -21.42 31.66 4.55
C LYS D 416 -21.24 31.81 6.07
N HIS D 417 -20.01 31.78 6.57
CA HIS D 417 -19.74 31.81 7.99
C HIS D 417 -18.89 33.02 8.35
N ASN D 418 -19.29 33.73 9.41
CA ASN D 418 -18.61 34.94 9.86
C ASN D 418 -18.16 34.82 11.31
N LEU D 419 -17.77 33.61 11.74
CA LEU D 419 -17.39 33.38 13.12
C LEU D 419 -16.21 34.26 13.52
N THR D 420 -16.31 34.88 14.69
CA THR D 420 -15.22 35.70 15.23
C THR D 420 -14.84 35.22 16.62
N THR D 421 -13.70 34.56 16.74
CA THR D 421 -13.20 34.09 18.03
C THR D 421 -12.52 35.28 18.72
N THR D 422 -13.29 35.96 19.58
CA THR D 422 -13.08 37.37 19.88
C THR D 422 -11.81 37.63 20.68
N GLN D 423 -11.29 36.65 21.40
CA GLN D 423 -10.11 36.85 22.23
C GLN D 423 -9.31 35.58 22.29
N GLY D 424 -8.02 35.72 22.57
CA GLY D 424 -7.11 34.60 22.63
C GLY D 424 -6.76 33.95 21.32
N LYS D 425 -5.79 33.04 21.37
CA LYS D 425 -5.15 32.47 20.19
C LYS D 425 -6.00 31.35 19.59
N LEU D 426 -5.64 30.97 18.37
CA LEU D 426 -6.12 29.76 17.73
C LEU D 426 -5.14 28.61 17.95
N PHE D 427 -5.65 27.38 17.89
CA PHE D 427 -4.80 26.21 18.01
C PHE D 427 -5.26 25.16 17.00
N PHE D 428 -4.30 24.61 16.26
CA PHE D 428 -4.58 23.54 15.31
C PHE D 428 -3.37 22.63 15.24
N HIS D 429 -3.50 21.43 15.76
CA HIS D 429 -2.45 20.44 15.66
C HIS D 429 -3.09 19.15 15.19
N TYR D 430 -2.34 18.38 14.41
CA TYR D 430 -2.86 17.16 13.79
C TYR D 430 -4.04 17.56 12.90
N ASN D 431 -5.21 16.96 13.03
CA ASN D 431 -6.31 17.20 12.10
C ASN D 431 -5.82 16.97 10.66
N PRO D 432 -5.35 15.78 10.32
CA PRO D 432 -4.72 15.60 9.01
C PRO D 432 -5.62 15.96 7.84
N LYS D 433 -6.89 15.56 7.88
CA LYS D 433 -7.79 15.86 6.77
C LYS D 433 -7.98 17.36 6.58
N LEU D 434 -8.03 18.11 7.68
CA LEU D 434 -8.28 19.54 7.60
C LEU D 434 -7.15 20.24 6.86
N CYS D 435 -7.50 21.14 5.95
CA CYS D 435 -6.53 21.83 5.12
C CYS D 435 -6.01 23.06 5.82
N LEU D 436 -4.73 23.37 5.59
CA LEU D 436 -4.19 24.64 6.04
C LEU D 436 -4.96 25.82 5.46
N SER D 437 -5.52 25.68 4.27
CA SER D 437 -6.31 26.76 3.69
C SER D 437 -7.50 27.10 4.57
N GLU D 438 -8.26 26.09 5.00
CA GLU D 438 -9.36 26.34 5.93
C GLU D 438 -8.86 27.03 7.19
N ILE D 439 -7.75 26.54 7.73
CA ILE D 439 -7.21 27.08 8.98
C ILE D 439 -6.84 28.53 8.81
N HIS D 440 -6.19 28.87 7.70
CA HIS D 440 -5.82 30.25 7.42
C HIS D 440 -7.03 31.11 7.21
N LYS D 441 -8.05 30.59 6.52
CA LYS D 441 -9.28 31.33 6.36
C LYS D 441 -9.88 31.66 7.71
N MET D 442 -9.91 30.69 8.62
CA MET D 442 -10.51 30.93 9.93
C MET D 442 -9.79 32.04 10.66
N GLU D 443 -8.45 31.96 10.73
CA GLU D 443 -7.72 32.93 11.53
C GLU D 443 -7.89 34.35 11.00
N GLU D 444 -8.24 34.50 9.72
CA GLU D 444 -8.49 35.84 9.21
C GLU D 444 -9.96 36.20 9.33
N VAL D 445 -10.85 35.21 9.13
CA VAL D 445 -12.27 35.44 9.38
C VAL D 445 -12.49 35.76 10.85
N SER D 446 -11.77 35.08 11.74
CA SER D 446 -11.95 35.20 13.17
C SER D 446 -11.07 36.29 13.79
N GLY D 447 -10.51 37.18 12.99
CA GLY D 447 -9.74 38.28 13.54
C GLY D 447 -8.41 37.96 14.15
N THR D 448 -8.14 36.69 14.49
CA THR D 448 -6.95 36.35 15.27
C THR D 448 -5.66 36.82 14.61
N LYS D 449 -5.47 36.47 13.34
CA LYS D 449 -4.22 36.87 12.69
C LYS D 449 -4.14 38.38 12.55
N GLY D 450 -5.22 39.03 12.16
CA GLY D 450 -5.22 40.49 12.15
C GLY D 450 -4.95 41.07 13.52
N ARG D 451 -5.46 40.42 14.57
CA ARG D 451 -5.25 40.84 15.95
C ARG D 451 -3.88 40.44 16.48
N GLN D 452 -2.97 40.01 15.61
CA GLN D 452 -1.62 39.56 15.98
C GLN D 452 -1.62 38.44 17.02
N GLU D 453 -2.67 37.61 17.03
CA GLU D 453 -2.67 36.42 17.85
C GLU D 453 -1.59 35.46 17.37
N ARG D 454 -0.79 34.96 18.31
CA ARG D 454 0.32 34.05 18.01
C ARG D 454 -0.20 32.63 17.76
N ASN D 455 -1.03 32.51 16.72
CA ASN D 455 -1.77 31.29 16.47
C ASN D 455 -0.82 30.10 16.35
N ASP D 456 -1.16 29.01 17.05
CA ASP D 456 -0.34 27.81 17.08
C ASP D 456 -0.96 26.80 16.13
N ILE D 457 -0.65 26.96 14.85
CA ILE D 457 -1.02 26.03 13.80
C ILE D 457 0.28 25.53 13.19
N ALA D 458 0.34 24.25 12.90
CA ALA D 458 1.59 23.64 12.44
C ALA D 458 1.43 23.23 10.98
N LEU D 459 2.40 23.63 10.15
CA LEU D 459 2.38 23.19 8.76
C LEU D 459 2.50 21.68 8.69
N LYS D 460 3.36 21.13 9.53
CA LYS D 460 3.54 19.69 9.64
C LYS D 460 2.36 19.15 10.45
N THR D 461 1.81 18.02 10.01
CA THR D 461 0.70 17.31 10.65
C THR D 461 -0.66 17.94 10.35
N ASN D 462 -0.74 19.02 9.59
CA ASN D 462 -2.00 19.61 9.18
C ASN D 462 -2.07 19.57 7.66
N GLY D 463 -3.20 19.12 7.14
CA GLY D 463 -3.31 19.01 5.71
C GLY D 463 -2.56 17.84 5.14
N ASP D 464 -1.87 17.07 5.97
CA ASP D 464 -1.17 15.89 5.50
C ASP D 464 -2.19 14.79 5.27
N LYS D 465 -1.92 13.96 4.27
CA LYS D 465 -2.82 12.88 3.89
C LYS D 465 -4.17 13.42 3.44
N ALA D 466 -4.16 14.65 2.91
CA ALA D 466 -5.36 15.32 2.44
C ALA D 466 -5.10 15.93 1.06
N SER D 467 -6.07 15.81 0.17
CA SER D 467 -6.00 16.34 -1.19
C SER D 467 -6.29 17.84 -1.22
N CYS D 468 -5.63 18.61 -0.37
CA CYS D 468 -5.95 20.02 -0.25
C CYS D 468 -5.34 20.84 -1.38
N GLU D 469 -5.88 22.06 -1.55
CA GLU D 469 -5.38 23.04 -2.52
C GLU D 469 -5.29 22.49 -3.93
N ASN D 470 -6.30 21.76 -4.34
CA ASN D 470 -6.37 21.13 -5.65
C ASN D 470 -6.87 22.11 -6.71
N GLU D 471 -6.64 21.74 -7.98
CA GLU D 471 -7.06 22.55 -9.12
C GLU D 471 -8.58 22.50 -9.31
N LEU D 472 -9.12 23.55 -9.93
CA LEU D 472 -10.51 23.55 -10.33
C LEU D 472 -10.74 22.65 -11.54
N LEU D 473 -11.82 21.87 -11.52
CA LEU D 473 -12.39 21.29 -12.74
C LEU D 473 -13.60 22.11 -13.16
N LYS D 474 -13.62 22.56 -14.40
CA LYS D 474 -14.83 23.06 -15.01
C LYS D 474 -15.61 21.89 -15.60
N PHE D 475 -16.93 21.97 -15.47
CA PHE D 475 -17.81 21.20 -16.34
C PHE D 475 -17.90 21.89 -17.69
N SER D 476 -17.72 21.11 -18.76
CA SER D 476 -17.87 21.61 -20.11
C SER D 476 -19.21 21.27 -20.72
N TYR D 477 -19.81 20.15 -20.33
CA TYR D 477 -20.99 19.63 -20.98
C TYR D 477 -21.97 19.16 -19.91
N ILE D 478 -23.24 19.53 -20.07
CA ILE D 478 -24.28 19.21 -19.10
C ILE D 478 -25.58 18.94 -19.85
N ARG D 479 -25.76 17.70 -20.31
CA ARG D 479 -26.94 17.34 -21.10
C ARG D 479 -27.82 16.43 -20.27
N THR D 480 -29.08 16.81 -20.11
CA THR D 480 -30.00 16.18 -19.18
C THR D 480 -31.00 15.29 -19.88
N SER D 481 -31.62 14.42 -19.09
CA SER D 481 -32.93 13.84 -19.40
C SER D 481 -33.71 13.81 -18.11
N PHE D 482 -34.99 13.45 -18.20
CA PHE D 482 -35.82 13.41 -17.00
C PHE D 482 -35.24 12.47 -15.95
N ASP D 483 -34.51 11.42 -16.36
CA ASP D 483 -33.99 10.44 -15.43
C ASP D 483 -32.51 10.10 -15.58
N LYS D 484 -31.78 10.76 -16.47
CA LYS D 484 -30.33 10.59 -16.56
C LYS D 484 -29.72 11.92 -16.96
N ILE D 485 -28.49 12.15 -16.49
CA ILE D 485 -27.75 13.36 -16.81
C ILE D 485 -26.38 12.96 -17.32
N LEU D 486 -26.01 13.47 -18.49
CA LEU D 486 -24.67 13.29 -19.04
C LEU D 486 -23.83 14.52 -18.78
N LEU D 487 -22.68 14.33 -18.14
CA LEU D 487 -21.73 15.38 -17.86
C LEU D 487 -20.42 15.10 -18.57
N ARG D 488 -19.75 16.15 -19.00
CA ARG D 488 -18.32 16.07 -19.29
C ARG D 488 -17.65 17.27 -18.64
N TRP D 489 -16.57 17.00 -17.89
CA TRP D 489 -15.74 18.06 -17.34
C TRP D 489 -14.47 18.17 -18.17
N GLU D 490 -13.68 19.19 -17.87
CA GLU D 490 -12.39 19.34 -18.53
C GLU D 490 -11.55 18.07 -18.39
N PRO D 491 -10.64 17.82 -19.31
CA PRO D 491 -9.57 16.86 -19.03
C PRO D 491 -8.73 17.36 -17.87
N TYR D 492 -8.44 16.48 -16.94
CA TYR D 492 -7.44 16.77 -15.92
C TYR D 492 -6.46 15.61 -15.86
N TRP D 493 -5.17 15.95 -15.76
CA TRP D 493 -4.13 14.97 -15.60
C TRP D 493 -3.09 15.53 -14.64
N PRO D 494 -2.65 14.75 -13.66
CA PRO D 494 -1.48 15.13 -12.87
C PRO D 494 -0.23 15.16 -13.74
N PRO D 495 0.89 15.67 -13.23
CA PRO D 495 2.12 15.66 -14.02
C PRO D 495 2.49 14.30 -14.56
N ASP D 496 2.19 13.23 -13.82
CA ASP D 496 2.24 11.87 -14.35
C ASP D 496 0.81 11.36 -14.42
N PHE D 497 0.38 11.01 -15.63
CA PHE D 497 -1.03 10.69 -15.85
C PHE D 497 -1.47 9.44 -15.09
N ARG D 498 -0.53 8.59 -14.70
CA ARG D 498 -0.90 7.36 -14.01
C ARG D 498 -1.32 7.64 -12.57
N ASP D 499 -1.00 8.82 -12.05
CA ASP D 499 -1.51 9.24 -10.75
C ASP D 499 -3.02 9.49 -10.76
N LEU D 500 -3.63 9.69 -11.91
CA LEU D 500 -5.09 9.68 -11.96
C LEU D 500 -5.54 8.24 -11.83
N LEU D 501 -5.92 7.85 -10.61
CA LEU D 501 -6.47 6.53 -10.38
C LEU D 501 -7.92 6.47 -10.82
N GLY D 502 -8.56 7.63 -10.86
CA GLY D 502 -9.94 7.75 -11.25
C GLY D 502 -10.40 9.14 -10.98
N PHE D 503 -11.60 9.42 -11.42
CA PHE D 503 -12.37 10.52 -10.87
C PHE D 503 -13.37 9.97 -9.89
N MET D 504 -14.05 10.86 -9.20
CA MET D 504 -15.17 10.46 -8.37
C MET D 504 -16.21 11.57 -8.47
N LEU D 505 -17.31 11.26 -9.11
CA LEU D 505 -18.45 12.14 -9.15
C LEU D 505 -19.17 12.11 -7.82
N PHE D 506 -19.80 13.21 -7.47
CA PHE D 506 -20.69 13.29 -6.33
C PHE D 506 -21.97 13.94 -6.78
N TYR D 507 -23.10 13.41 -6.38
CA TYR D 507 -24.33 14.09 -6.69
C TYR D 507 -25.31 13.92 -5.55
N LYS D 508 -26.30 14.79 -5.51
CA LYS D 508 -27.19 14.94 -4.37
C LYS D 508 -28.43 15.67 -4.86
N GLU D 509 -29.60 15.09 -4.70
CA GLU D 509 -30.82 15.81 -5.02
C GLU D 509 -31.01 16.93 -4.03
N ALA D 510 -31.00 18.18 -4.53
CA ALA D 510 -30.71 19.34 -3.69
C ALA D 510 -31.55 20.50 -4.16
N PRO D 511 -32.72 20.70 -3.57
CA PRO D 511 -33.63 21.74 -4.08
C PRO D 511 -33.12 23.14 -3.92
N TYR D 512 -32.08 23.37 -3.13
CA TYR D 512 -31.59 24.71 -2.83
C TYR D 512 -30.10 24.83 -3.14
N GLN D 513 -29.74 25.99 -3.69
CA GLN D 513 -28.38 26.27 -4.11
C GLN D 513 -27.51 26.83 -2.99
N ASN D 514 -27.62 26.21 -1.82
CA ASN D 514 -26.84 26.55 -0.63
C ASN D 514 -26.08 25.33 -0.12
N VAL D 515 -26.02 24.29 -0.93
CA VAL D 515 -25.28 23.08 -0.60
C VAL D 515 -23.80 23.39 -0.39
N THR D 516 -23.14 22.51 0.35
CA THR D 516 -21.73 22.59 0.64
C THR D 516 -21.18 21.16 0.58
N GLU D 517 -19.92 21.04 0.20
CA GLU D 517 -19.33 19.72 -0.05
C GLU D 517 -19.51 18.79 1.15
N PHE D 518 -19.19 19.27 2.34
CA PHE D 518 -19.15 18.45 3.54
C PHE D 518 -20.39 18.57 4.40
N ASP D 519 -21.50 19.05 3.84
CA ASP D 519 -22.73 19.15 4.61
C ASP D 519 -23.45 17.81 4.67
N GLY D 520 -24.07 17.54 5.82
CA GLY D 520 -24.80 16.30 6.00
C GLY D 520 -23.94 15.07 6.04
N GLN D 521 -22.67 15.21 6.40
CA GLN D 521 -21.69 14.15 6.23
C GLN D 521 -20.90 13.96 7.51
N ASP D 522 -20.67 12.70 7.87
CA ASP D 522 -19.75 12.35 8.95
C ASP D 522 -18.96 11.12 8.54
N ALA D 523 -17.86 10.89 9.23
CA ALA D 523 -17.01 9.74 8.96
C ALA D 523 -17.48 8.45 9.62
N CYS D 524 -18.61 8.49 10.34
CA CYS D 524 -19.22 7.26 10.80
C CYS D 524 -20.17 6.65 9.78
N GLY D 525 -20.06 7.07 8.52
CA GLY D 525 -20.76 6.45 7.42
C GLY D 525 -22.10 7.04 7.04
N SER D 526 -22.50 8.15 7.66
CA SER D 526 -23.59 8.94 7.14
C SER D 526 -23.07 9.82 6.00
N ASN D 527 -23.75 9.78 4.86
CA ASN D 527 -23.29 10.56 3.72
C ASN D 527 -24.47 10.83 2.80
N SER D 528 -24.75 12.11 2.56
CA SER D 528 -25.86 12.52 1.70
C SER D 528 -25.53 12.42 0.22
N TRP D 529 -24.26 12.24 -0.14
CA TRP D 529 -23.82 12.27 -1.53
C TRP D 529 -23.81 10.86 -2.13
N THR D 530 -24.34 10.73 -3.34
CA THR D 530 -24.37 9.44 -4.04
C THR D 530 -23.12 9.24 -4.88
N VAL D 531 -21.96 9.19 -4.19
CA VAL D 531 -20.66 9.14 -4.85
C VAL D 531 -20.61 8.05 -5.91
N VAL D 532 -19.99 8.38 -7.05
CA VAL D 532 -19.87 7.48 -8.18
C VAL D 532 -18.42 7.57 -8.65
N ASP D 533 -17.59 6.63 -8.25
CA ASP D 533 -16.21 6.58 -8.73
C ASP D 533 -16.14 6.19 -10.18
N ILE D 534 -15.16 6.75 -10.88
CA ILE D 534 -15.09 6.70 -12.33
C ILE D 534 -13.68 6.35 -12.76
N ASP D 535 -13.56 5.44 -13.72
CA ASP D 535 -12.26 5.02 -14.21
C ASP D 535 -11.56 6.19 -14.91
N PRO D 536 -10.23 6.19 -14.95
CA PRO D 536 -9.53 7.20 -15.71
C PRO D 536 -9.77 7.02 -17.20
N PRO D 537 -9.82 8.11 -17.96
CA PRO D 537 -9.97 7.99 -19.42
C PRO D 537 -8.70 7.48 -20.08
N LEU D 538 -8.90 6.87 -21.25
CA LEU D 538 -7.82 6.36 -22.10
C LEU D 538 -7.06 7.54 -22.68
N ARG D 539 -5.88 7.82 -22.12
CA ARG D 539 -5.17 9.05 -22.44
C ARG D 539 -4.71 9.10 -23.89
N SER D 540 -4.75 10.32 -24.45
CA SER D 540 -4.15 10.62 -25.74
C SER D 540 -2.71 11.09 -25.57
N ASN D 541 -1.86 10.75 -26.54
CA ASN D 541 -0.55 11.40 -26.63
C ASN D 541 -0.71 12.90 -26.86
N ASP D 542 -1.52 13.28 -27.84
CA ASP D 542 -1.72 14.67 -28.17
C ASP D 542 -2.55 15.35 -27.08
N PRO D 543 -2.03 16.39 -26.42
CA PRO D 543 -2.85 17.11 -25.43
C PRO D 543 -4.09 17.74 -26.02
N LYS D 544 -4.04 18.17 -27.28
CA LYS D 544 -5.23 18.71 -27.94
C LYS D 544 -6.19 17.63 -28.41
N SER D 545 -5.89 16.36 -28.18
CA SER D 545 -6.84 15.28 -28.40
C SER D 545 -7.20 14.55 -27.11
N GLN D 546 -6.92 15.17 -25.97
CA GLN D 546 -7.51 14.70 -24.70
C GLN D 546 -9.01 14.97 -24.75
N ASN D 547 -9.78 13.91 -24.94
CA ASN D 547 -11.23 14.03 -24.90
C ASN D 547 -11.70 14.41 -23.51
N HIS D 548 -12.73 15.24 -23.44
CA HIS D 548 -13.35 15.61 -22.19
C HIS D 548 -14.03 14.40 -21.55
N PRO D 549 -13.54 13.91 -20.43
CA PRO D 549 -14.14 12.73 -19.80
C PRO D 549 -15.54 13.00 -19.31
N GLY D 550 -16.27 11.93 -19.06
CA GLY D 550 -17.65 12.15 -18.67
C GLY D 550 -18.31 10.95 -18.05
N TRP D 551 -19.54 11.16 -17.60
CA TRP D 551 -20.35 10.10 -17.03
C TRP D 551 -21.81 10.40 -17.32
N LEU D 552 -22.58 9.33 -17.50
CA LEU D 552 -24.04 9.40 -17.59
C LEU D 552 -24.60 8.87 -16.29
N MET D 553 -24.82 9.77 -15.32
CA MET D 553 -25.36 9.35 -14.04
C MET D 553 -26.85 9.00 -14.18
N ARG D 554 -27.21 7.83 -13.68
CA ARG D 554 -28.45 7.14 -14.01
C ARG D 554 -29.51 7.30 -12.92
N GLY D 555 -30.75 6.99 -13.29
CA GLY D 555 -31.81 6.72 -12.31
C GLY D 555 -32.37 7.92 -11.59
N LEU D 556 -32.35 9.08 -12.23
CA LEU D 556 -32.76 10.32 -11.59
C LEU D 556 -34.28 10.44 -11.58
N LYS D 557 -34.78 11.56 -11.01
CA LYS D 557 -36.19 11.86 -10.93
C LYS D 557 -36.53 13.08 -11.77
N PRO D 558 -37.69 13.11 -12.41
CA PRO D 558 -38.03 14.24 -13.29
C PRO D 558 -38.17 15.56 -12.55
N TRP D 559 -37.66 16.62 -13.19
CA TRP D 559 -37.74 18.01 -12.71
C TRP D 559 -37.23 18.15 -11.27
N THR D 560 -36.14 17.45 -10.96
CA THR D 560 -35.51 17.57 -9.66
C THR D 560 -34.10 18.12 -9.82
N GLN D 561 -33.77 19.14 -9.03
CA GLN D 561 -32.48 19.80 -9.15
C GLN D 561 -31.43 19.05 -8.35
N TYR D 562 -30.43 18.53 -9.05
CA TYR D 562 -29.30 17.86 -8.41
C TYR D 562 -28.16 18.85 -8.17
N ALA D 563 -27.61 18.81 -6.96
CA ALA D 563 -26.28 19.34 -6.73
C ALA D 563 -25.25 18.30 -7.12
N ILE D 564 -24.21 18.73 -7.84
CA ILE D 564 -23.26 17.81 -8.44
C ILE D 564 -21.87 18.41 -8.31
N PHE D 565 -20.87 17.58 -8.06
CA PHE D 565 -19.50 17.97 -8.33
C PHE D 565 -18.72 16.72 -8.66
N VAL D 566 -17.52 16.92 -9.20
CA VAL D 566 -16.63 15.82 -9.56
C VAL D 566 -15.23 16.15 -9.09
N LYS D 567 -14.49 15.12 -8.71
CA LYS D 567 -13.24 15.27 -7.99
C LYS D 567 -12.28 14.19 -8.46
N THR D 568 -10.99 14.49 -8.45
CA THR D 568 -9.99 13.52 -8.86
C THR D 568 -9.62 12.57 -7.73
N LEU D 569 -9.41 11.30 -8.08
CA LEU D 569 -8.87 10.28 -7.21
C LEU D 569 -7.43 10.03 -7.63
N VAL D 570 -6.49 10.40 -6.78
CA VAL D 570 -5.11 10.58 -7.20
C VAL D 570 -4.17 10.02 -6.15
N THR D 571 -3.16 9.30 -6.59
CA THR D 571 -2.23 8.65 -5.69
C THR D 571 -1.12 9.62 -5.30
N PHE D 572 -0.79 9.63 -4.01
CA PHE D 572 0.23 10.53 -3.50
C PHE D 572 1.59 10.17 -4.06
N SER D 573 2.39 11.19 -4.36
CA SER D 573 3.73 10.98 -4.88
C SER D 573 4.75 11.03 -3.76
N THR D 578 -2.07 14.81 -3.32
CA THR D 578 -1.49 16.12 -3.62
C THR D 578 -2.00 16.65 -4.96
N TYR D 579 -1.44 16.17 -6.06
CA TYR D 579 -1.91 16.59 -7.37
C TYR D 579 -3.33 16.10 -7.59
N GLY D 580 -4.28 17.02 -7.63
CA GLY D 580 -5.67 16.64 -7.85
C GLY D 580 -6.49 17.84 -8.24
N ALA D 581 -7.77 17.59 -8.48
CA ALA D 581 -8.65 18.67 -8.90
C ALA D 581 -10.05 18.40 -8.37
N LYS D 582 -10.83 19.46 -8.23
CA LYS D 582 -12.20 19.32 -7.79
C LYS D 582 -13.04 20.39 -8.48
N SER D 583 -14.26 20.02 -8.86
CA SER D 583 -15.19 20.98 -9.40
C SER D 583 -15.90 21.75 -8.31
N ASP D 584 -16.47 22.89 -8.71
CA ASP D 584 -17.50 23.51 -7.90
C ASP D 584 -18.76 22.66 -7.92
N ILE D 585 -19.64 22.93 -6.97
CA ILE D 585 -20.99 22.39 -7.05
C ILE D 585 -21.72 23.05 -8.21
N ILE D 586 -22.26 22.24 -9.10
CA ILE D 586 -23.13 22.72 -10.16
C ILE D 586 -24.50 22.12 -9.96
N TYR D 587 -25.53 22.88 -10.33
CA TYR D 587 -26.91 22.48 -10.12
C TYR D 587 -27.57 22.22 -11.48
N VAL D 588 -28.23 21.07 -11.60
CA VAL D 588 -28.78 20.61 -12.87
C VAL D 588 -30.20 20.09 -12.65
N GLN D 589 -31.18 20.74 -13.28
CA GLN D 589 -32.59 20.45 -13.02
C GLN D 589 -33.15 19.25 -13.79
N THR D 590 -32.31 18.42 -14.40
CA THR D 590 -32.74 17.28 -15.21
C THR D 590 -33.71 17.80 -16.29
N ASP D 591 -34.83 17.13 -16.52
CA ASP D 591 -35.83 17.58 -17.48
C ASP D 591 -37.22 17.36 -16.92
N ALA D 592 -38.16 18.20 -17.35
CA ALA D 592 -39.54 18.07 -16.92
C ALA D 592 -40.28 17.06 -17.78
N SER D 690 -7.54 0.53 5.52
CA SER D 690 -8.79 0.51 4.78
C SER D 690 -8.64 -0.23 3.46
N GLN D 691 -9.78 -0.56 2.85
CA GLN D 691 -9.77 -1.11 1.50
C GLN D 691 -9.16 -0.12 0.53
N ILE D 692 -9.48 1.16 0.69
CA ILE D 692 -9.01 2.19 -0.23
C ILE D 692 -7.49 2.16 -0.36
N LEU D 693 -6.79 2.02 0.77
CA LEU D 693 -5.34 1.96 0.73
C LEU D 693 -4.82 0.73 -0.01
N LYS D 694 -5.61 -0.33 -0.12
CA LYS D 694 -5.22 -1.43 -0.98
C LYS D 694 -5.30 -1.03 -2.45
N GLU D 695 -6.37 -0.35 -2.83
CA GLU D 695 -6.51 0.06 -4.23
C GLU D 695 -5.50 1.14 -4.58
N LEU D 696 -5.25 2.06 -3.65
CA LEU D 696 -4.22 3.07 -3.89
C LEU D 696 -2.82 2.49 -3.91
N GLU D 697 -2.61 1.36 -3.23
CA GLU D 697 -1.35 0.65 -3.39
C GLU D 697 -1.27 -0.09 -4.71
N GLU D 698 -2.33 -0.82 -5.06
CA GLU D 698 -2.29 -1.63 -6.27
C GLU D 698 -1.99 -0.79 -7.50
N SER D 699 -2.64 0.36 -7.63
CA SER D 699 -2.30 1.28 -8.70
C SER D 699 -0.87 1.79 -8.56
N SER D 700 -0.47 2.13 -7.33
CA SER D 700 0.89 2.56 -7.11
C SER D 700 1.89 1.44 -7.35
N PHE D 701 1.45 0.19 -7.19
CA PHE D 701 2.33 -0.94 -7.47
C PHE D 701 2.52 -1.15 -8.96
N ARG D 702 1.43 -1.15 -9.73
CA ARG D 702 1.56 -1.29 -11.17
C ARG D 702 2.31 -0.11 -11.80
N LYS D 703 2.14 1.08 -11.24
CA LYS D 703 2.99 2.19 -11.62
C LYS D 703 4.45 1.90 -11.31
N THR D 704 4.71 1.33 -10.13
CA THR D 704 6.09 1.04 -9.72
C THR D 704 6.75 0.04 -10.65
N PHE D 705 6.04 -1.03 -10.99
CA PHE D 705 6.60 -2.02 -11.90
C PHE D 705 6.92 -1.42 -13.25
N GLU D 706 5.95 -0.74 -13.85
CA GLU D 706 6.14 -0.08 -15.13
C GLU D 706 7.32 0.88 -15.09
N ASP D 707 7.44 1.65 -14.02
CA ASP D 707 8.59 2.54 -13.89
C ASP D 707 9.89 1.76 -13.78
N TYR D 708 9.86 0.62 -13.07
CA TYR D 708 11.04 -0.22 -13.00
C TYR D 708 11.40 -0.78 -14.37
N LEU D 709 10.41 -1.31 -15.08
CA LEU D 709 10.67 -1.90 -16.39
C LEU D 709 11.31 -0.88 -17.32
N HIS D 710 10.74 0.31 -17.40
CA HIS D 710 11.34 1.37 -18.19
C HIS D 710 12.76 1.67 -17.75
N ASN D 711 12.98 1.81 -16.44
CA ASN D 711 14.32 2.10 -15.96
C ASN D 711 15.31 1.01 -16.30
N VAL D 712 14.84 -0.21 -16.54
CA VAL D 712 15.72 -1.35 -16.81
C VAL D 712 15.88 -1.59 -18.30
N VAL D 713 14.80 -1.48 -19.05
CA VAL D 713 14.84 -1.85 -20.47
C VAL D 713 15.50 -0.76 -21.30
N PHE D 714 15.26 0.50 -20.97
CA PHE D 714 15.82 1.61 -21.74
C PHE D 714 17.16 1.99 -21.15
N VAL D 715 18.21 1.88 -21.96
CA VAL D 715 19.59 2.10 -21.50
C VAL D 715 20.15 3.31 -22.24
N PRO D 716 20.70 4.30 -21.55
CA PRO D 716 21.36 5.42 -22.24
C PRO D 716 22.69 4.95 -22.81
N ARG D 717 22.86 5.15 -24.11
CA ARG D 717 24.13 4.80 -24.71
C ARG D 717 25.22 5.69 -24.13
N PRO D 718 26.44 5.16 -23.96
CA PRO D 718 27.43 5.69 -23.02
C PRO D 718 27.91 7.11 -23.32
C1' HY1 E 1 -26.81 10.13 -30.84
C2' HY1 E 1 -25.81 11.10 -30.85
C3' HY1 E 1 -24.48 10.74 -30.74
C4' HY1 E 1 -24.12 9.42 -30.64
C5' HY1 E 1 -25.09 8.45 -30.63
C6' HY1 E 1 -26.43 8.79 -30.73
CA HY1 E 1 -28.26 10.51 -30.97
C HY1 E 1 -28.95 10.73 -29.63
O HY1 E 1 -29.03 11.81 -29.13
N SER E 2 -29.45 9.65 -29.05
CA SER E 2 -30.12 9.72 -27.78
C SER E 2 -29.08 9.93 -26.70
N LEU E 3 -29.53 10.34 -25.51
CA LEU E 3 -28.59 10.55 -24.42
C LEU E 3 -27.83 9.26 -24.10
N GLU E 4 -28.56 8.14 -24.03
CA GLU E 4 -27.92 6.87 -23.75
C GLU E 4 -26.97 6.47 -24.86
N GLU E 5 -27.40 6.58 -26.12
CA GLU E 5 -26.56 6.19 -27.25
C GLU E 5 -25.35 7.11 -27.32
N GLU E 6 -25.55 8.40 -27.11
CA GLU E 6 -24.41 9.31 -27.17
C GLU E 6 -23.41 9.01 -26.08
N TRP E 7 -23.89 8.65 -24.89
CA TRP E 7 -22.97 8.32 -23.81
C TRP E 7 -22.14 7.11 -24.19
N ALA E 8 -22.76 6.10 -24.80
CA ALA E 8 -22.02 4.91 -25.22
C ALA E 8 -20.98 5.29 -26.26
N GLN E 9 -21.36 6.18 -27.19
CA GLN E 9 -20.39 6.66 -28.16
C GLN E 9 -19.28 7.43 -27.44
N ILE E 10 -19.64 8.25 -26.47
CA ILE E 10 -18.64 8.98 -25.70
C ILE E 10 -17.77 8.03 -24.93
N GLU E 11 -18.36 6.97 -24.37
CA GLU E 11 -17.57 6.02 -23.60
C GLU E 11 -16.54 5.32 -24.48
N CYS E 12 -16.94 4.95 -25.70
CA CYS E 12 -15.98 4.39 -26.64
C CYS E 12 -14.92 5.41 -27.02
N GLU E 13 -15.33 6.66 -27.23
CA GLU E 13 -14.39 7.73 -27.57
C GLU E 13 -13.43 7.99 -26.42
N VAL E 14 -13.92 7.93 -25.19
CA VAL E 14 -13.14 8.33 -24.03
C VAL E 14 -12.49 7.11 -23.37
N TYR E 15 -13.30 6.25 -22.77
CA TYR E 15 -12.76 5.13 -22.01
C TYR E 15 -12.43 3.93 -22.89
N GLY E 16 -12.86 3.94 -24.14
CA GLY E 16 -12.59 2.83 -25.04
C GLY E 16 -13.57 1.68 -24.95
N ARG E 17 -14.67 1.84 -24.23
CA ARG E 17 -15.68 0.79 -24.10
C ARG E 17 -16.76 1.03 -25.16
N CYS E 18 -16.85 0.14 -26.13
CA CYS E 18 -17.78 0.29 -27.24
C CYS E 18 -18.73 -0.89 -27.30
N PRO E 19 -20.04 -0.66 -27.46
CA PRO E 19 -21.10 -1.67 -27.63
C PRO E 19 -20.79 -2.69 -28.72
C1' HY1 F 1 -27.40 -0.60 45.99
C2' HY1 F 1 -26.65 -1.74 46.23
C3' HY1 F 1 -25.28 -1.66 46.40
C4' HY1 F 1 -24.64 -0.44 46.32
C5' HY1 F 1 -25.37 0.70 46.07
C6' HY1 F 1 -26.75 0.62 45.90
CA HY1 F 1 -28.90 -0.70 45.79
C HY1 F 1 -29.24 -0.90 44.32
O HY1 F 1 -29.93 -1.79 43.96
N SER F 2 -28.72 0.01 43.51
CA SER F 2 -28.93 -0.05 42.07
C SER F 2 -27.61 0.27 41.40
N LEU F 3 -27.49 -0.07 40.12
CA LEU F 3 -26.24 0.23 39.43
C LEU F 3 -26.05 1.73 39.31
N GLU F 4 -27.16 2.47 39.19
CA GLU F 4 -27.08 3.92 39.16
C GLU F 4 -26.65 4.47 40.51
N GLU F 5 -27.20 3.93 41.59
CA GLU F 5 -26.87 4.45 42.91
C GLU F 5 -25.40 4.24 43.23
N GLU F 6 -24.88 3.05 42.95
CA GLU F 6 -23.46 2.80 43.20
C GLU F 6 -22.63 3.69 42.30
N TRP F 7 -23.07 3.87 41.07
CA TRP F 7 -22.34 4.70 40.13
C TRP F 7 -22.26 6.13 40.64
N ALA F 8 -23.35 6.64 41.20
CA ALA F 8 -23.32 7.96 41.81
C ALA F 8 -22.30 7.97 42.93
N GLN F 9 -22.27 6.90 43.72
CA GLN F 9 -21.34 6.78 44.82
C GLN F 9 -19.91 6.70 44.30
N ILE F 10 -19.70 5.95 43.21
CA ILE F 10 -18.36 5.82 42.62
C ILE F 10 -17.88 7.17 42.12
N GLU F 11 -18.75 7.94 41.47
CA GLU F 11 -18.35 9.23 40.93
C GLU F 11 -17.89 10.17 42.03
N CYS F 12 -18.62 10.21 43.15
CA CYS F 12 -18.14 11.01 44.27
C CYS F 12 -16.83 10.46 44.80
N GLU F 13 -16.72 9.13 44.88
CA GLU F 13 -15.54 8.50 45.45
C GLU F 13 -14.29 8.76 44.62
N VAL F 14 -14.38 8.64 43.30
CA VAL F 14 -13.21 8.72 42.43
C VAL F 14 -13.21 10.02 41.61
N TYR F 15 -14.30 10.32 40.91
CA TYR F 15 -14.30 11.49 40.03
C TYR F 15 -14.75 12.76 40.73
N GLY F 16 -15.20 12.67 41.97
CA GLY F 16 -15.68 13.83 42.69
C GLY F 16 -16.85 14.54 42.06
N ARG F 17 -17.77 13.79 41.46
CA ARG F 17 -18.98 14.37 40.89
C ARG F 17 -20.15 13.96 41.78
N CYS F 18 -20.88 14.94 42.29
CA CYS F 18 -22.00 14.61 43.16
C CYS F 18 -23.20 15.47 42.81
N PRO F 19 -24.42 14.94 42.99
CA PRO F 19 -25.67 15.69 42.78
C PRO F 19 -26.00 16.61 43.94
C1 NAG G . 7.83 -26.56 -9.61
C2 NAG G . 6.88 -26.86 -8.50
C3 NAG G . 7.57 -26.57 -7.17
C4 NAG G . 8.90 -27.30 -7.09
C5 NAG G . 9.71 -27.15 -8.38
C6 NAG G . 10.89 -28.10 -8.45
C7 NAG G . 4.49 -26.65 -9.01
C8 NAG G . 3.30 -25.74 -9.03
N2 NAG G . 5.64 -26.11 -8.61
O3 NAG G . 6.71 -26.97 -6.11
O4 NAG G . 9.73 -26.69 -6.11
O5 NAG G . 8.91 -27.42 -9.53
O6 NAG G . 11.94 -27.55 -9.23
O7 NAG G . 4.41 -27.82 -9.33
C1 NAG G . 9.60 -27.05 -4.74
C2 NAG G . 10.57 -26.10 -4.03
C3 NAG G . 10.42 -26.15 -2.52
C4 NAG G . 8.97 -25.90 -2.11
C5 NAG G . 8.08 -26.93 -2.79
C6 NAG G . 6.62 -26.71 -2.54
C7 NAG G . 12.59 -25.75 -5.36
C8 NAG G . 14.00 -26.19 -5.62
N2 NAG G . 11.94 -26.40 -4.40
O3 NAG G . 11.26 -25.17 -1.93
O4 NAG G . 8.82 -26.01 -0.71
O5 NAG G . 8.27 -26.89 -4.22
O6 NAG G . 5.81 -27.47 -3.43
O7 NAG G . 12.07 -24.83 -5.99
C1 NAG H . 22.87 -22.67 -34.79
C2 NAG H . 24.19 -21.87 -34.73
C3 NAG H . 24.60 -21.45 -36.13
C4 NAG H . 24.75 -22.67 -37.01
C5 NAG H . 23.43 -23.44 -37.03
C6 NAG H . 23.51 -24.73 -37.81
C7 NAG H . 23.22 -19.72 -33.97
C8 NAG H . 23.31 -18.65 -32.93
N2 NAG H . 24.09 -20.73 -33.83
O3 NAG H . 25.83 -20.73 -36.07
O4 NAG H . 25.10 -22.29 -38.33
O5 NAG H . 23.02 -23.78 -35.71
O6 NAG H . 23.70 -25.83 -36.94
O7 NAG H . 22.41 -19.68 -34.88
C1 NAG I . 34.68 -31.22 -19.00
C2 NAG I . 34.13 -30.11 -19.90
C3 NAG I . 34.69 -30.25 -21.31
C4 NAG I . 36.21 -30.37 -21.29
C5 NAG I . 36.63 -31.48 -20.34
C6 NAG I . 38.13 -31.60 -20.17
C7 NAG I . 31.91 -29.26 -20.60
C8 NAG I . 30.43 -29.47 -20.54
N2 NAG I . 32.67 -30.15 -19.95
O3 NAG I . 34.33 -29.12 -22.11
O4 NAG I . 36.70 -30.69 -22.59
O5 NAG I . 36.09 -31.21 -19.04
O6 NAG I . 38.45 -32.31 -18.98
O7 NAG I . 32.40 -28.30 -21.20
C1 NAG J . 23.60 -8.83 21.71
C2 NAG J . 24.27 -10.17 21.29
C3 NAG J . 24.75 -10.99 22.48
C4 NAG J . 25.49 -10.16 23.50
C5 NAG J . 24.63 -8.97 23.90
C6 NAG J . 25.31 -8.05 24.88
C7 NAG J . 23.30 -10.87 19.13
C8 NAG J . 22.28 -11.74 18.46
N2 NAG J . 23.36 -10.95 20.47
O3 NAG J . 25.58 -12.05 22.02
O4 NAG J . 25.78 -10.92 24.67
O5 NAG J . 24.39 -8.20 22.72
O6 NAG J . 26.33 -7.28 24.24
O7 NAG J . 24.05 -10.13 18.50
C1 NAG K . -21.53 32.99 32.66
C2 NAG K . -21.89 34.45 32.36
C3 NAG K . -21.29 35.39 33.39
C4 NAG K . -21.73 34.98 34.79
C5 NAG K . -21.36 33.53 35.05
C6 NAG K . -21.90 33.01 36.37
C7 NAG K . -21.95 35.84 30.33
C8 NAG K . -21.37 36.05 28.96
N2 NAG K . -21.45 34.81 31.02
O3 NAG K . -21.72 36.72 33.13
O4 NAG K . -21.11 35.81 35.77
O5 NAG K . -21.90 32.68 34.02
O6 NAG K . -23.23 32.54 36.24
O7 NAG K . -22.82 36.58 30.78
C1 NAG L . -3.01 35.21 28.49
C2 NAG L . -1.56 35.15 28.95
C3 NAG L . -1.32 36.15 30.07
C4 NAG L . -1.67 37.56 29.60
C5 NAG L . -3.13 37.60 29.16
C6 NAG L . -3.52 38.92 28.56
C7 NAG L . -0.83 32.85 28.55
C8 NAG L . -0.48 31.53 29.18
N2 NAG L . -1.19 33.82 29.39
O3 NAG L . 0.03 36.10 30.49
O4 NAG L . -1.45 38.49 30.66
O5 NAG L . -3.40 36.59 28.18
O6 NAG L . -3.24 38.95 27.17
O7 NAG L . -0.77 33.02 27.34
C1 NAG M . -30.52 25.66 2.51
C2 NAG M . -29.99 24.63 3.50
C3 NAG M . -31.13 23.69 3.91
C4 NAG M . -32.29 24.51 4.45
C5 NAG M . -32.71 25.58 3.46
C6 NAG M . -33.77 26.51 4.00
C7 NAG M . -27.98 23.25 3.67
C8 NAG M . -26.92 22.51 2.92
N2 NAG M . -28.89 23.87 2.94
O3 NAG M . -30.65 22.78 4.88
O4 NAG M . -33.40 23.65 4.73
O5 NAG M . -31.58 26.39 3.12
O6 NAG M . -34.23 27.40 3.00
O7 NAG M . -28.01 23.27 4.90
#